data_4YOG
#
_entry.id   4YOG
#
_cell.length_a   57.799
_cell.length_b   87.534
_cell.length_c   112.991
_cell.angle_alpha   90.00
_cell.angle_beta   90.00
_cell.angle_gamma   90.00
#
_symmetry.space_group_name_H-M   'P 21 21 21'
#
loop_
_entity.id
_entity.type
_entity.pdbx_description
1 polymer '3C-like proteinase'
2 non-polymer 'ACETATE ION'
3 non-polymer N-[4-(acetylamino)phenyl]-2-(1H-benzotriazol-1-yl)-N-[(1R)-2-(tert-butylamino)-2-oxo-1-(thiophen-3-yl)ethyl]acetamide
4 water water
#
_entity_poly.entity_id   1
_entity_poly.type   'polypeptide(L)'
_entity_poly.pdbx_seq_one_letter_code
;SGLVKMSAPSGAVENCIVQVTCGSMTLNGLWLDNTVWCPRHIMCPADQLTDPNYDALLISKTNHSFIVQKHIGAQANLRV
VAHSMVGVLLKLTVDVANPSTPAYTFSTVKPGASFSVLACYNGKPTGVFTVNLRHNSTIKGSFLCGSCGSVGYTENGGVI
NFVYMHQMELSNGTHTGSSFDGVMYGAFEDKQTHQLQLTDKYCTINVVAWLYAAVLNGCKWFVKPTRVGIVTYNEWALSN
QFTEFVGTQSIDMLAHRTGVSVEQMLAAIQSLHAGFQGKTILGQSTLEDEFTPDDVNMQVMGVVMQ
;
_entity_poly.pdbx_strand_id   A,B
#
loop_
_chem_comp.id
_chem_comp.type
_chem_comp.name
_chem_comp.formula
4F5 non-polymer N-[4-(acetylamino)phenyl]-2-(1H-benzotriazol-1-yl)-N-[(1R)-2-(tert-butylamino)-2-oxo-1-(thiophen-3-yl)ethyl]acetamide 'C26 H28 N6 O3 S'
ACT non-polymer 'ACETATE ION' 'C2 H3 O2 -1'
#
# COMPACT_ATOMS: atom_id res chain seq x y z
N SER A 1 6.85 4.88 -14.51
CA SER A 1 5.41 4.98 -14.73
C SER A 1 4.69 3.93 -13.90
N GLY A 2 3.38 3.89 -14.04
CA GLY A 2 2.55 3.08 -13.18
C GLY A 2 1.94 3.96 -12.11
N LEU A 3 0.83 3.50 -11.54
CA LEU A 3 0.18 4.20 -10.43
C LEU A 3 -0.37 3.17 -9.46
N VAL A 4 0.16 3.15 -8.24
CA VAL A 4 -0.33 2.23 -7.24
C VAL A 4 -0.58 3.00 -5.94
N LYS A 5 -1.37 2.42 -5.06
CA LYS A 5 -1.54 2.99 -3.73
C LYS A 5 -0.22 2.90 -2.99
N MET A 6 0.39 4.04 -2.73
CA MET A 6 1.69 4.05 -2.10
C MET A 6 1.62 4.72 -0.73
N SER A 7 2.29 4.13 0.25
CA SER A 7 2.35 4.67 1.63
C SER A 7 3.71 5.23 1.94
N ALA A 8 3.78 6.08 2.95
CA ALA A 8 5.07 6.55 3.43
C ALA A 8 5.75 5.40 4.19
N PRO A 9 7.07 5.24 4.02
CA PRO A 9 7.81 4.22 4.80
C PRO A 9 7.50 4.27 6.31
N SER A 10 7.33 3.13 6.95
CA SER A 10 6.72 3.07 8.27
C SER A 10 7.69 2.94 9.44
N GLY A 11 8.99 2.85 9.14
CA GLY A 11 9.98 2.58 10.17
C GLY A 11 9.97 3.52 11.37
N ALA A 12 9.93 4.82 11.11
CA ALA A 12 9.94 5.79 12.21
C ALA A 12 8.71 5.62 13.12
N VAL A 13 7.58 5.20 12.55
CA VAL A 13 6.37 4.97 13.35
C VAL A 13 6.42 3.64 14.09
N GLU A 14 6.92 2.60 13.43
CA GLU A 14 7.07 1.31 14.10
C GLU A 14 7.81 1.43 15.44
N ASN A 15 8.78 2.33 15.51
CA ASN A 15 9.56 2.51 16.74
C ASN A 15 8.75 3.11 17.89
N CYS A 16 7.49 3.47 17.63
CA CYS A 16 6.69 4.18 18.62
C CYS A 16 5.44 3.39 19.06
N ILE A 17 5.24 2.22 18.49
CA ILE A 17 4.05 1.45 18.80
C ILE A 17 4.23 0.66 20.08
N VAL A 18 3.23 0.72 20.95
CA VAL A 18 3.24 -0.07 22.19
C VAL A 18 1.89 -0.72 22.41
N GLN A 19 1.85 -1.68 23.33
CA GLN A 19 0.62 -2.32 23.73
C GLN A 19 0.10 -1.68 25.01
N VAL A 20 -1.18 -1.33 25.05
CA VAL A 20 -1.75 -0.80 26.28
C VAL A 20 -2.88 -1.70 26.78
N THR A 21 -2.82 -2.04 28.06
CA THR A 21 -3.80 -2.93 28.65
C THR A 21 -4.41 -2.26 29.86
N CYS A 22 -5.73 -2.28 29.93
CA CYS A 22 -6.45 -1.77 31.07
C CYS A 22 -7.61 -2.71 31.38
N GLY A 23 -7.54 -3.42 32.51
CA GLY A 23 -8.52 -4.46 32.80
C GLY A 23 -8.39 -5.59 31.79
N SER A 24 -9.49 -5.98 31.15
CA SER A 24 -9.42 -7.04 30.16
C SER A 24 -9.41 -6.46 28.75
N MET A 25 -9.24 -5.15 28.65
CA MET A 25 -9.17 -4.50 27.35
C MET A 25 -7.73 -4.27 26.96
N THR A 26 -7.43 -4.51 25.71
CA THR A 26 -6.10 -4.21 25.25
C THR A 26 -6.18 -3.65 23.83
N LEU A 27 -5.28 -2.73 23.53
CA LEU A 27 -5.14 -2.18 22.18
C LEU A 27 -3.79 -1.53 22.03
N ASN A 28 -3.63 -0.78 20.96
CA ASN A 28 -2.33 -0.21 20.62
C ASN A 28 -2.23 1.22 21.09
N GLY A 29 -0.99 1.64 21.37
CA GLY A 29 -0.73 3.00 21.73
C GLY A 29 0.46 3.53 20.99
N LEU A 30 0.61 4.85 21.05
CA LEU A 30 1.66 5.57 20.39
C LEU A 30 2.53 6.30 21.42
N TRP A 31 3.80 5.92 21.48
CA TRP A 31 4.74 6.41 22.48
C TRP A 31 5.68 7.47 21.90
N LEU A 32 5.43 8.72 22.24
CA LEU A 32 6.30 9.80 21.82
C LEU A 32 6.75 10.54 23.06
N ASP A 33 8.05 10.84 23.15
CA ASP A 33 8.59 11.46 24.36
C ASP A 33 8.15 10.64 25.57
N ASN A 34 7.66 11.30 26.62
CA ASN A 34 7.22 10.60 27.82
C ASN A 34 5.70 10.38 27.85
N THR A 35 5.06 10.36 26.69
CA THR A 35 3.61 10.24 26.58
C THR A 35 3.21 9.00 25.78
N VAL A 36 2.19 8.29 26.26
CA VAL A 36 1.57 7.24 25.43
C VAL A 36 0.11 7.62 25.12
N TRP A 37 -0.24 7.64 23.84
CA TRP A 37 -1.59 7.95 23.37
C TRP A 37 -2.39 6.69 23.03
N CYS A 38 -3.64 6.58 23.45
CA CYS A 38 -4.46 5.47 22.99
C CYS A 38 -5.93 5.87 23.11
N PRO A 39 -6.85 5.13 22.47
CA PRO A 39 -8.27 5.53 22.53
C PRO A 39 -8.80 5.43 23.95
N ARG A 40 -9.64 6.37 24.37
CA ARG A 40 -10.09 6.36 25.75
C ARG A 40 -11.04 5.18 25.98
N HIS A 41 -11.62 4.62 24.92
CA HIS A 41 -12.55 3.50 25.16
C HIS A 41 -11.84 2.26 25.70
N ILE A 42 -10.53 2.30 25.87
CA ILE A 42 -9.84 1.20 26.51
C ILE A 42 -10.28 1.05 27.97
N MET A 43 -10.77 2.14 28.58
CA MET A 43 -11.18 2.11 29.99
C MET A 43 -12.58 1.56 30.22
N CYS A 44 -13.36 1.43 29.14
CA CYS A 44 -14.77 1.11 29.29
C CYS A 44 -15.04 -0.39 29.25
N PRO A 45 -15.63 -0.94 30.33
CA PRO A 45 -16.03 -2.35 30.39
C PRO A 45 -17.12 -2.63 29.39
N ALA A 46 -17.21 -3.86 28.90
CA ALA A 46 -18.17 -4.20 27.85
C ALA A 46 -19.62 -3.85 28.24
N ASP A 47 -19.96 -3.93 29.53
CA ASP A 47 -21.34 -3.71 29.94
C ASP A 47 -21.73 -2.22 30.04
N GLN A 48 -20.75 -1.33 29.83
CA GLN A 48 -21.05 0.10 29.85
C GLN A 48 -20.91 0.71 28.45
N LEU A 49 -20.59 -0.12 27.47
CA LEU A 49 -20.27 0.35 26.12
C LEU A 49 -21.33 1.24 25.49
N THR A 50 -22.59 1.01 25.86
CA THR A 50 -23.69 1.74 25.24
C THR A 50 -23.84 3.15 25.83
N ASP A 51 -23.41 3.33 27.08
CA ASP A 51 -23.47 4.65 27.71
C ASP A 51 -22.34 4.85 28.72
N PRO A 52 -21.10 4.99 28.22
CA PRO A 52 -19.98 5.13 29.15
C PRO A 52 -19.93 6.53 29.77
N ASN A 53 -19.54 6.57 31.04
CA ASN A 53 -19.23 7.81 31.70
C ASN A 53 -17.71 7.86 31.79
N TYR A 54 -17.09 8.48 30.79
CA TYR A 54 -15.64 8.44 30.67
C TYR A 54 -14.96 9.22 31.79
N ASP A 55 -15.63 10.26 32.29
CA ASP A 55 -15.09 11.02 33.43
C ASP A 55 -15.03 10.15 34.67
N ALA A 56 -16.09 9.39 34.91
CA ALA A 56 -16.12 8.45 36.01
C ALA A 56 -15.05 7.37 35.84
N LEU A 57 -15.01 6.78 34.63
CA LEU A 57 -14.04 5.73 34.34
C LEU A 57 -12.63 6.21 34.60
N LEU A 58 -12.28 7.37 34.06
CA LEU A 58 -10.94 7.96 34.22
C LEU A 58 -10.44 7.92 35.68
N ILE A 59 -11.23 8.46 36.59
CA ILE A 59 -10.79 8.55 37.98
C ILE A 59 -11.13 7.31 38.79
N SER A 60 -11.77 6.31 38.19
CA SER A 60 -11.93 5.02 38.85
C SER A 60 -10.71 4.14 38.60
N LYS A 61 -9.81 4.59 37.72
CA LYS A 61 -8.57 3.90 37.46
C LYS A 61 -7.40 4.54 38.21
N THR A 62 -6.48 3.72 38.68
CA THR A 62 -5.20 4.22 39.17
C THR A 62 -4.21 4.20 38.01
N ASN A 63 -3.05 4.85 38.20
CA ASN A 63 -1.99 4.73 37.24
C ASN A 63 -1.58 3.28 37.00
N HIS A 64 -1.52 2.47 38.05
CA HIS A 64 -1.09 1.08 37.83
C HIS A 64 -2.21 0.21 37.23
N SER A 65 -3.37 0.80 36.95
CA SER A 65 -4.41 0.11 36.15
C SER A 65 -3.93 -0.12 34.73
N PHE A 66 -2.97 0.70 34.30
CA PHE A 66 -2.55 0.69 32.91
C PHE A 66 -1.21 -0.03 32.79
N ILE A 67 -1.17 -1.05 31.95
CA ILE A 67 0.05 -1.73 31.64
C ILE A 67 0.48 -1.37 30.22
N VAL A 68 1.66 -0.81 30.10
CA VAL A 68 2.16 -0.36 28.83
C VAL A 68 3.45 -1.09 28.52
N GLN A 69 3.50 -1.79 27.38
CA GLN A 69 4.69 -2.55 27.02
C GLN A 69 5.10 -2.37 25.56
N LYS A 70 6.41 -2.26 25.34
CA LYS A 70 6.95 -2.32 23.99
C LYS A 70 7.45 -3.73 23.70
N HIS A 71 6.89 -4.36 22.66
CA HIS A 71 7.19 -5.76 22.32
C HIS A 71 8.27 -5.94 21.28
N ILE A 72 8.52 -4.90 20.51
CA ILE A 72 9.42 -5.01 19.37
C ILE A 72 10.62 -4.10 19.59
N GLY A 73 11.71 -4.39 18.90
CA GLY A 73 12.95 -3.66 19.07
C GLY A 73 13.42 -3.64 20.51
N ALA A 74 13.88 -2.48 20.97
CA ALA A 74 14.30 -2.34 22.36
C ALA A 74 13.09 -2.49 23.29
N GLN A 75 12.82 -3.73 23.71
CA GLN A 75 11.64 -4.03 24.52
C GLN A 75 11.68 -3.29 25.86
N ALA A 76 10.50 -3.11 26.47
CA ALA A 76 10.41 -2.37 27.72
C ALA A 76 9.04 -2.50 28.38
N ASN A 77 9.04 -2.34 29.70
CA ASN A 77 7.79 -2.24 30.45
C ASN A 77 7.76 -0.83 31.00
N LEU A 78 6.67 -0.10 30.76
CA LEU A 78 6.68 1.32 31.06
C LEU A 78 5.72 1.69 32.20
N ARG A 79 6.24 2.42 33.19
CA ARG A 79 5.45 2.83 34.33
C ARG A 79 4.63 4.09 34.05
N VAL A 80 3.32 3.97 34.19
CA VAL A 80 2.42 5.11 34.02
C VAL A 80 2.44 5.96 35.31
N VAL A 81 2.66 7.26 35.18
CA VAL A 81 2.72 8.11 36.35
C VAL A 81 1.65 9.20 36.32
N ALA A 82 0.86 9.22 35.25
CA ALA A 82 -0.30 10.09 35.19
C ALA A 82 -1.22 9.66 34.05
N HIS A 83 -2.50 9.95 34.18
CA HIS A 83 -3.43 9.65 33.09
C HIS A 83 -4.51 10.69 33.05
N SER A 84 -4.81 11.21 31.86
CA SER A 84 -5.92 12.15 31.68
C SER A 84 -6.55 12.00 30.30
N MET A 85 -7.69 12.66 30.10
CA MET A 85 -8.33 12.63 28.80
C MET A 85 -7.97 13.82 27.96
N VAL A 86 -7.83 13.56 26.68
CA VAL A 86 -7.64 14.56 25.64
C VAL A 86 -8.70 14.24 24.62
N GLY A 87 -9.88 14.85 24.73
CA GLY A 87 -11.00 14.46 23.87
C GLY A 87 -11.28 12.97 23.97
N VAL A 88 -11.28 12.27 22.83
CA VAL A 88 -11.57 10.85 22.85
C VAL A 88 -10.29 9.99 22.93
N LEU A 89 -9.19 10.63 23.29
CA LEU A 89 -7.92 9.96 23.54
C LEU A 89 -7.65 9.89 25.04
N LEU A 90 -6.99 8.84 25.45
CA LEU A 90 -6.38 8.77 26.78
C LEU A 90 -4.89 9.13 26.64
N LYS A 91 -4.42 10.03 27.48
CA LYS A 91 -3.03 10.46 27.46
C LYS A 91 -2.34 9.92 28.70
N LEU A 92 -1.49 8.92 28.51
CA LEU A 92 -0.75 8.34 29.61
C LEU A 92 0.62 8.96 29.66
N THR A 93 0.97 9.56 30.80
CA THR A 93 2.34 10.01 31.01
C THR A 93 3.11 8.86 31.59
N VAL A 94 4.26 8.52 31.00
CA VAL A 94 5.06 7.43 31.53
C VAL A 94 6.40 7.98 32.01
N ASP A 95 7.19 7.16 32.70
CA ASP A 95 8.37 7.69 33.38
C ASP A 95 9.65 7.57 32.54
N VAL A 96 9.51 7.19 31.27
CA VAL A 96 10.66 7.10 30.36
C VAL A 96 10.28 7.66 29.00
N ALA A 97 11.11 8.54 28.46
CA ALA A 97 10.89 9.07 27.14
C ALA A 97 11.33 8.02 26.11
N ASN A 98 10.59 7.91 25.00
CA ASN A 98 10.97 7.00 23.92
C ASN A 98 12.22 7.52 23.24
N PRO A 99 13.34 6.81 23.39
CA PRO A 99 14.58 7.33 22.79
C PRO A 99 14.49 7.35 21.26
N SER A 100 13.54 6.60 20.70
CA SER A 100 13.37 6.59 19.25
C SER A 100 12.27 7.55 18.74
N THR A 101 11.89 8.54 19.55
CA THR A 101 10.93 9.53 19.10
C THR A 101 11.41 10.27 17.85
N PRO A 102 10.68 10.15 16.74
CA PRO A 102 11.07 10.90 15.54
C PRO A 102 10.79 12.39 15.74
N ALA A 103 11.35 13.24 14.89
CA ALA A 103 10.88 14.60 14.79
C ALA A 103 9.43 14.49 14.32
N TYR A 104 8.50 15.18 14.98
CA TYR A 104 7.10 14.99 14.59
C TYR A 104 6.25 16.23 14.83
N THR A 105 5.14 16.30 14.10
CA THR A 105 4.12 17.31 14.35
C THR A 105 2.77 16.59 14.48
N PHE A 106 1.75 17.30 14.96
CA PHE A 106 0.36 16.84 14.87
C PHE A 106 -0.38 17.71 13.89
N SER A 107 -1.28 17.13 13.10
N SER A 107 -1.23 17.10 13.06
CA SER A 107 -2.21 17.97 12.36
CA SER A 107 -2.13 17.84 12.15
C SER A 107 -3.49 17.22 12.05
C SER A 107 -3.51 17.20 12.10
N THR A 108 -4.49 17.98 11.64
CA THR A 108 -5.80 17.44 11.33
C THR A 108 -6.02 17.55 9.83
N VAL A 109 -6.24 16.43 9.16
CA VAL A 109 -6.41 16.47 7.71
C VAL A 109 -7.85 16.78 7.33
N LYS A 110 -8.04 17.28 6.12
CA LYS A 110 -9.35 17.65 5.58
C LYS A 110 -9.90 16.53 4.71
N PRO A 111 -11.23 16.45 4.55
CA PRO A 111 -11.80 15.53 3.57
C PRO A 111 -11.14 15.69 2.20
N GLY A 112 -10.85 14.58 1.54
CA GLY A 112 -10.09 14.62 0.32
C GLY A 112 -8.61 14.32 0.50
N ALA A 113 -8.12 14.38 1.74
CA ALA A 113 -6.69 14.20 1.95
C ALA A 113 -6.31 12.74 2.18
N SER A 114 -5.14 12.34 1.66
CA SER A 114 -4.63 10.99 1.88
CA SER A 114 -4.60 10.99 1.86
C SER A 114 -3.64 10.93 3.04
N PHE A 115 -3.56 9.78 3.70
CA PHE A 115 -2.47 9.56 4.66
C PHE A 115 -2.16 8.08 4.76
N SER A 116 -1.04 7.75 5.39
CA SER A 116 -0.65 6.35 5.48
C SER A 116 -1.13 5.80 6.81
N VAL A 117 -1.47 4.52 6.85
CA VAL A 117 -1.89 3.89 8.08
C VAL A 117 -0.97 2.72 8.41
N LEU A 118 -0.41 2.72 9.62
CA LEU A 118 0.28 1.55 10.14
C LEU A 118 -0.69 0.79 10.99
N ALA A 119 -1.21 -0.32 10.48
CA ALA A 119 -2.09 -1.16 11.26
C ALA A 119 -1.27 -1.94 12.28
N CYS A 120 -1.81 -2.03 13.48
CA CYS A 120 -1.12 -2.66 14.58
C CYS A 120 -2.07 -3.61 15.29
N TYR A 121 -1.51 -4.65 15.88
CA TYR A 121 -2.31 -5.55 16.68
C TYR A 121 -1.49 -5.93 17.91
N ASN A 122 -2.09 -5.76 19.08
CA ASN A 122 -1.44 -6.05 20.37
C ASN A 122 -0.06 -5.39 20.54
N GLY A 123 0.11 -4.19 20.00
CA GLY A 123 1.35 -3.46 20.14
C GLY A 123 2.42 -3.87 19.15
N LYS A 124 2.01 -4.59 18.12
CA LYS A 124 2.92 -5.04 17.07
C LYS A 124 2.42 -4.56 15.70
N PRO A 125 3.28 -3.86 14.97
CA PRO A 125 2.92 -3.42 13.60
C PRO A 125 2.69 -4.61 12.70
N THR A 126 1.64 -4.58 11.90
CA THR A 126 1.32 -5.73 11.08
C THR A 126 1.20 -5.42 9.60
N GLY A 127 0.89 -4.17 9.25
CA GLY A 127 0.72 -3.82 7.85
C GLY A 127 0.63 -2.34 7.61
N VAL A 128 0.89 -1.94 6.37
CA VAL A 128 0.86 -0.55 6.01
C VAL A 128 -0.02 -0.38 4.77
N PHE A 129 -0.84 0.65 4.77
CA PHE A 129 -1.66 0.95 3.61
C PHE A 129 -2.04 2.43 3.61
N THR A 130 -2.58 2.91 2.50
CA THR A 130 -2.93 4.32 2.39
C THR A 130 -4.43 4.49 2.29
N VAL A 131 -4.96 5.50 2.97
CA VAL A 131 -6.38 5.81 2.91
C VAL A 131 -6.59 7.25 2.54
N ASN A 132 -7.84 7.61 2.33
CA ASN A 132 -8.22 8.98 2.03
CA ASN A 132 -8.22 8.98 2.03
C ASN A 132 -9.38 9.40 2.94
N LEU A 133 -9.32 10.61 3.49
CA LEU A 133 -10.43 11.04 4.34
C LEU A 133 -11.65 11.32 3.45
N ARG A 134 -12.69 10.52 3.65
CA ARG A 134 -13.90 10.58 2.84
C ARG A 134 -14.70 11.86 3.09
N HIS A 135 -15.64 12.14 2.20
CA HIS A 135 -16.42 13.37 2.28
C HIS A 135 -17.15 13.45 3.62
N ASN A 136 -17.61 12.31 4.12
CA ASN A 136 -18.28 12.28 5.43
C ASN A 136 -17.31 12.03 6.58
N SER A 137 -16.03 12.30 6.35
CA SER A 137 -14.98 12.16 7.36
C SER A 137 -14.87 10.76 7.96
N THR A 138 -15.11 9.75 7.15
CA THR A 138 -14.77 8.37 7.50
C THR A 138 -13.58 7.94 6.66
N ILE A 139 -13.06 6.73 6.90
CA ILE A 139 -12.09 6.14 5.98
C ILE A 139 -12.48 4.71 5.62
N LYS A 140 -11.98 4.25 4.47
CA LYS A 140 -12.17 2.87 4.01
C LYS A 140 -10.90 2.08 4.23
N GLY A 141 -10.72 1.54 5.43
CA GLY A 141 -9.51 0.80 5.76
C GLY A 141 -9.74 -0.69 5.97
N SER A 142 -8.82 -1.31 6.68
CA SER A 142 -8.92 -2.72 7.03
C SER A 142 -8.47 -2.87 8.46
N PHE A 143 -9.41 -3.06 9.38
CA PHE A 143 -9.11 -3.14 10.82
C PHE A 143 -9.87 -4.25 11.56
N LEU A 144 -9.29 -4.70 12.68
CA LEU A 144 -10.02 -5.49 13.70
C LEU A 144 -10.17 -4.68 14.98
N CYS A 145 -10.93 -5.16 15.97
CA CYS A 145 -11.11 -4.41 17.22
C CYS A 145 -9.77 -4.19 17.89
N GLY A 146 -8.91 -5.20 17.79
CA GLY A 146 -7.59 -5.13 18.38
C GLY A 146 -6.71 -4.14 17.65
N SER A 147 -7.24 -3.58 16.56
CA SER A 147 -6.47 -2.66 15.72
C SER A 147 -6.64 -1.22 16.20
N CYS A 148 -7.59 -1.01 17.11
CA CYS A 148 -7.78 0.32 17.70
C CYS A 148 -6.46 0.82 18.27
N GLY A 149 -6.16 2.10 18.04
CA GLY A 149 -4.86 2.64 18.38
C GLY A 149 -3.91 2.62 17.19
N SER A 150 -4.28 1.97 16.09
CA SER A 150 -3.48 2.05 14.87
C SER A 150 -3.36 3.51 14.40
N VAL A 151 -2.25 3.82 13.74
CA VAL A 151 -1.80 5.18 13.57
C VAL A 151 -1.72 5.63 12.12
N GLY A 152 -2.28 6.80 11.83
CA GLY A 152 -2.22 7.37 10.49
C GLY A 152 -1.28 8.55 10.53
N TYR A 153 -0.55 8.76 9.45
CA TYR A 153 0.56 9.72 9.45
C TYR A 153 0.93 10.06 8.02
N THR A 154 1.64 11.17 7.84
CA THR A 154 2.31 11.47 6.59
C THR A 154 3.74 11.81 6.94
N GLU A 155 4.57 12.02 5.91
CA GLU A 155 5.97 12.31 6.15
C GLU A 155 6.46 13.32 5.14
N ASN A 156 7.25 14.28 5.60
CA ASN A 156 7.85 15.26 4.73
C ASN A 156 9.11 15.83 5.36
N GLY A 157 10.22 15.77 4.62
CA GLY A 157 11.49 16.31 5.09
C GLY A 157 11.97 15.65 6.37
N GLY A 158 11.75 14.34 6.47
CA GLY A 158 12.09 13.59 7.66
C GLY A 158 11.22 13.88 8.88
N VAL A 159 10.18 14.68 8.73
CA VAL A 159 9.27 14.94 9.85
C VAL A 159 8.03 14.10 9.70
N ILE A 160 7.70 13.32 10.74
CA ILE A 160 6.47 12.55 10.73
C ILE A 160 5.31 13.43 11.19
N ASN A 161 4.24 13.48 10.41
CA ASN A 161 3.05 14.24 10.79
C ASN A 161 1.93 13.27 11.17
N PHE A 162 1.68 13.12 12.47
CA PHE A 162 0.65 12.18 12.94
C PHE A 162 -0.73 12.82 12.84
N VAL A 163 -1.67 12.13 12.18
CA VAL A 163 -2.95 12.75 11.87
C VAL A 163 -4.16 11.94 12.28
N TYR A 164 -3.98 10.68 12.69
CA TYR A 164 -5.11 9.80 12.92
C TYR A 164 -4.77 8.69 13.90
N MET A 165 -5.66 8.44 14.84
CA MET A 165 -5.56 7.22 15.63
C MET A 165 -6.89 6.50 15.50
N HIS A 166 -6.84 5.23 15.13
CA HIS A 166 -8.07 4.50 14.87
C HIS A 166 -8.91 4.26 16.11
N GLN A 167 -10.21 4.54 16.00
CA GLN A 167 -11.10 4.43 17.15
C GLN A 167 -12.18 3.36 16.98
N MET A 168 -12.82 3.29 15.82
CA MET A 168 -13.92 2.34 15.66
C MET A 168 -14.34 2.04 14.22
N GLU A 169 -15.09 0.96 14.07
CA GLU A 169 -15.68 0.57 12.80
C GLU A 169 -17.19 0.84 12.86
N LEU A 170 -17.65 1.76 12.01
CA LEU A 170 -19.03 2.23 12.03
C LEU A 170 -19.99 1.26 11.35
N SER A 171 -19.63 0.87 10.14
CA SER A 171 -20.40 -0.07 9.35
C SER A 171 -19.40 -0.91 8.58
N ASN A 172 -19.89 -1.85 7.79
CA ASN A 172 -18.99 -2.74 7.10
C ASN A 172 -17.98 -1.97 6.25
N GLY A 173 -16.70 -2.25 6.49
CA GLY A 173 -15.60 -1.63 5.77
C GLY A 173 -15.42 -0.13 5.97
N THR A 174 -16.14 0.44 6.94
CA THR A 174 -16.14 1.89 7.18
C THR A 174 -15.69 2.25 8.61
N HIS A 175 -14.68 3.09 8.71
CA HIS A 175 -14.00 3.31 9.99
C HIS A 175 -13.82 4.78 10.31
N THR A 176 -13.62 5.09 11.58
CA THR A 176 -13.22 6.45 11.91
C THR A 176 -12.29 6.46 13.11
N GLY A 177 -11.73 7.63 13.39
CA GLY A 177 -10.74 7.79 14.44
C GLY A 177 -10.64 9.26 14.76
N SER A 178 -9.61 9.62 15.49
CA SER A 178 -9.44 10.99 15.95
C SER A 178 -8.09 11.50 15.57
N SER A 179 -7.96 12.83 15.49
CA SER A 179 -6.64 13.43 15.41
C SER A 179 -6.08 13.45 16.84
N PHE A 180 -4.83 13.83 17.00
CA PHE A 180 -4.17 13.67 18.30
C PHE A 180 -4.42 14.81 19.26
N ASP A 181 -5.23 15.77 18.84
CA ASP A 181 -5.80 16.73 19.79
C ASP A 181 -7.04 16.09 20.43
N GLY A 182 -7.36 14.87 19.99
CA GLY A 182 -8.49 14.10 20.53
C GLY A 182 -9.84 14.43 19.93
N VAL A 183 -9.84 15.15 18.80
CA VAL A 183 -11.11 15.47 18.13
C VAL A 183 -11.43 14.34 17.15
N MET A 184 -12.61 13.75 17.27
CA MET A 184 -12.97 12.66 16.38
C MET A 184 -13.22 13.23 14.96
N TYR A 185 -12.71 12.56 13.93
CA TYR A 185 -13.09 12.90 12.55
C TYR A 185 -14.59 12.63 12.34
N GLY A 186 -15.30 13.60 11.82
CA GLY A 186 -16.72 13.41 11.57
C GLY A 186 -17.59 13.62 12.78
N ALA A 187 -18.89 13.37 12.60
CA ALA A 187 -19.85 13.55 13.68
C ALA A 187 -20.07 12.25 14.42
N PHE A 188 -18.98 11.69 14.99
CA PHE A 188 -19.06 10.35 15.55
C PHE A 188 -18.65 10.33 17.02
N GLU A 189 -19.34 9.51 17.79
CA GLU A 189 -19.12 9.39 19.22
C GLU A 189 -18.58 8.02 19.56
N ASP A 190 -17.64 7.99 20.49
CA ASP A 190 -17.07 6.72 20.90
C ASP A 190 -18.01 6.03 21.89
N LYS A 191 -19.22 5.74 21.42
CA LYS A 191 -20.22 4.98 22.15
C LYS A 191 -20.78 3.84 21.30
N GLN A 192 -21.47 2.90 21.96
CA GLN A 192 -22.17 1.83 21.24
C GLN A 192 -23.62 2.26 21.01
N THR A 193 -23.81 3.08 19.99
CA THR A 193 -25.13 3.55 19.60
C THR A 193 -25.19 3.56 18.08
N HIS A 194 -26.40 3.44 17.54
CA HIS A 194 -26.55 3.57 16.10
C HIS A 194 -26.29 5.00 15.74
N GLN A 195 -25.30 5.21 14.87
CA GLN A 195 -24.98 6.54 14.38
C GLN A 195 -25.10 6.54 12.87
N LEU A 196 -25.67 7.61 12.32
CA LEU A 196 -25.83 7.67 10.88
C LEU A 196 -24.72 8.51 10.27
N GLN A 197 -24.19 8.02 9.16
CA GLN A 197 -23.19 8.75 8.41
C GLN A 197 -23.89 9.72 7.46
N LEU A 198 -23.34 10.92 7.32
CA LEU A 198 -23.71 11.76 6.18
C LEU A 198 -23.37 10.97 4.94
N THR A 199 -24.11 11.20 3.85
CA THR A 199 -23.87 10.46 2.60
C THR A 199 -22.47 10.79 2.07
N ASP A 200 -21.79 9.78 1.54
CA ASP A 200 -20.47 10.01 1.01
C ASP A 200 -20.56 10.69 -0.36
N LYS A 201 -19.43 11.16 -0.85
CA LYS A 201 -19.34 11.80 -2.16
C LYS A 201 -17.99 11.49 -2.80
N TYR A 202 -17.99 11.34 -4.12
CA TYR A 202 -16.73 11.25 -4.87
C TYR A 202 -15.99 12.56 -4.75
N CYS A 203 -14.68 12.51 -4.50
CA CYS A 203 -13.91 13.73 -4.43
C CYS A 203 -13.44 14.12 -5.81
N THR A 204 -14.07 15.14 -6.39
CA THR A 204 -13.86 15.48 -7.79
C THR A 204 -12.41 15.74 -8.15
N ILE A 205 -11.75 16.58 -7.36
CA ILE A 205 -10.40 17.00 -7.70
C ILE A 205 -9.45 15.78 -7.69
N ASN A 206 -9.71 14.80 -6.83
CA ASN A 206 -8.92 13.57 -6.81
C ASN A 206 -9.19 12.70 -8.03
N VAL A 207 -10.44 12.71 -8.48
CA VAL A 207 -10.79 11.98 -9.70
C VAL A 207 -10.09 12.60 -10.90
N VAL A 208 -10.13 13.94 -10.96
CA VAL A 208 -9.43 14.66 -12.02
C VAL A 208 -7.93 14.34 -12.01
N ALA A 209 -7.31 14.35 -10.83
CA ALA A 209 -5.89 14.02 -10.73
C ALA A 209 -5.61 12.61 -11.30
N TRP A 210 -6.47 11.67 -10.91
CA TRP A 210 -6.37 10.29 -11.36
C TRP A 210 -6.49 10.19 -12.88
N LEU A 211 -7.40 10.97 -13.46
CA LEU A 211 -7.55 10.98 -14.92
C LEU A 211 -6.30 11.56 -15.60
N TYR A 212 -5.68 12.57 -14.98
CA TYR A 212 -4.42 13.05 -15.51
C TYR A 212 -3.34 11.96 -15.41
N ALA A 213 -3.28 11.28 -14.27
CA ALA A 213 -2.32 10.19 -14.11
C ALA A 213 -2.46 9.18 -15.25
N ALA A 214 -3.72 8.86 -15.57
CA ALA A 214 -4.05 7.91 -16.62
C ALA A 214 -3.50 8.37 -17.96
N VAL A 215 -3.74 9.62 -18.28
CA VAL A 215 -3.29 10.16 -19.54
C VAL A 215 -1.77 10.12 -19.62
N LEU A 216 -1.08 10.40 -18.52
CA LEU A 216 0.38 10.38 -18.51
C LEU A 216 0.87 8.95 -18.64
N ASN A 217 0.05 7.99 -18.26
CA ASN A 217 0.39 6.58 -18.40
C ASN A 217 -0.16 5.94 -19.66
N GLY A 218 -0.44 6.76 -20.67
CA GLY A 218 -0.83 6.26 -21.98
C GLY A 218 -2.30 5.93 -22.15
N CYS A 219 -3.10 6.13 -21.11
CA CYS A 219 -4.52 5.81 -21.22
C CYS A 219 -5.33 7.08 -21.45
N LYS A 220 -5.90 7.25 -22.64
CA LYS A 220 -6.52 8.53 -22.98
C LYS A 220 -7.80 8.45 -23.82
N TRP A 221 -8.39 7.26 -23.94
CA TRP A 221 -9.58 7.08 -24.77
C TRP A 221 -10.76 7.91 -24.27
N PHE A 222 -10.76 8.25 -23.00
CA PHE A 222 -11.89 8.98 -22.41
C PHE A 222 -11.84 10.49 -22.65
N VAL A 223 -10.73 10.97 -23.19
CA VAL A 223 -10.59 12.40 -23.47
C VAL A 223 -11.25 12.77 -24.78
N LYS A 224 -12.21 13.68 -24.71
CA LYS A 224 -12.95 14.11 -25.89
C LYS A 224 -12.84 15.61 -26.02
N PRO A 225 -13.24 16.15 -27.18
CA PRO A 225 -13.32 17.61 -27.30
C PRO A 225 -14.26 18.20 -26.26
N THR A 226 -15.24 17.42 -25.81
CA THR A 226 -16.28 17.88 -24.89
C THR A 226 -15.70 18.56 -23.67
N ARG A 227 -16.26 19.72 -23.34
CA ARG A 227 -15.91 20.37 -22.09
C ARG A 227 -17.16 20.85 -21.36
N VAL A 228 -17.02 20.99 -20.05
CA VAL A 228 -18.10 21.53 -19.25
C VAL A 228 -17.54 22.63 -18.36
N GLY A 229 -18.25 23.75 -18.29
CA GLY A 229 -17.83 24.83 -17.41
C GLY A 229 -17.82 24.38 -15.96
N ILE A 230 -16.94 24.95 -15.16
CA ILE A 230 -16.87 24.60 -13.74
C ILE A 230 -18.20 24.86 -13.04
N VAL A 231 -18.84 25.97 -13.38
CA VAL A 231 -20.10 26.34 -12.74
C VAL A 231 -21.20 25.31 -13.08
N THR A 232 -21.18 24.81 -14.30
CA THR A 232 -22.17 23.83 -14.75
C THR A 232 -21.91 22.48 -14.06
N TYR A 233 -20.64 22.10 -14.02
CA TYR A 233 -20.25 20.87 -13.35
C TYR A 233 -20.68 20.88 -11.89
N ASN A 234 -20.42 21.98 -11.20
CA ASN A 234 -20.72 22.03 -9.76
C ASN A 234 -22.22 21.89 -9.46
N GLU A 235 -23.07 22.49 -10.30
CA GLU A 235 -24.52 22.28 -10.19
C GLU A 235 -24.86 20.80 -10.28
N TRP A 236 -24.42 20.17 -11.35
CA TRP A 236 -24.58 18.74 -11.58
C TRP A 236 -24.05 17.91 -10.40
N ALA A 237 -22.91 18.33 -9.85
CA ALA A 237 -22.26 17.60 -8.75
C ALA A 237 -23.16 17.51 -7.51
N LEU A 238 -23.82 18.61 -7.19
CA LEU A 238 -24.78 18.68 -6.09
C LEU A 238 -25.80 17.55 -6.14
N SER A 239 -26.26 17.20 -7.34
CA SER A 239 -27.32 16.19 -7.51
C SER A 239 -26.79 14.80 -7.80
N ASN A 240 -25.47 14.67 -7.93
CA ASN A 240 -24.92 13.38 -8.33
C ASN A 240 -23.84 12.83 -7.38
N GLN A 241 -23.81 13.36 -6.16
CA GLN A 241 -22.88 12.91 -5.13
C GLN A 241 -21.39 13.07 -5.51
N PHE A 242 -21.05 14.23 -6.06
CA PHE A 242 -19.66 14.60 -6.29
C PHE A 242 -19.41 15.90 -5.57
N THR A 243 -18.17 16.12 -5.10
CA THR A 243 -17.81 17.38 -4.49
C THR A 243 -17.70 18.49 -5.52
N GLU A 244 -17.92 19.73 -5.09
CA GLU A 244 -17.67 20.89 -5.94
C GLU A 244 -16.22 20.88 -6.36
N PHE A 245 -15.94 21.34 -7.57
CA PHE A 245 -14.57 21.46 -8.02
C PHE A 245 -14.01 22.87 -7.83
N VAL A 246 -12.83 22.98 -7.24
CA VAL A 246 -12.09 24.24 -7.14
C VAL A 246 -10.64 23.98 -7.58
N GLY A 247 -10.18 24.75 -8.55
CA GLY A 247 -8.90 24.50 -9.19
C GLY A 247 -7.72 24.76 -8.26
N THR A 248 -6.62 24.07 -8.51
CA THR A 248 -5.36 24.28 -7.81
C THR A 248 -4.22 24.31 -8.80
N GLN A 249 -3.11 24.90 -8.36
CA GLN A 249 -1.89 25.01 -9.17
C GLN A 249 -1.42 23.66 -9.69
N SER A 250 -1.47 22.65 -8.83
CA SER A 250 -0.95 21.35 -9.23
C SER A 250 -1.80 20.76 -10.33
N ILE A 251 -3.12 20.93 -10.24
CA ILE A 251 -4.00 20.49 -11.31
C ILE A 251 -3.64 21.23 -12.59
N ASP A 252 -3.40 22.54 -12.50
CA ASP A 252 -3.05 23.31 -13.69
C ASP A 252 -1.78 22.78 -14.38
N MET A 253 -0.82 22.34 -13.57
CA MET A 253 0.45 21.83 -14.10
C MET A 253 0.27 20.46 -14.77
N LEU A 254 -0.60 19.62 -14.20
CA LEU A 254 -0.97 18.37 -14.84
C LEU A 254 -1.70 18.65 -16.16
N ALA A 255 -2.54 19.67 -16.18
CA ALA A 255 -3.15 20.09 -17.44
C ALA A 255 -2.08 20.52 -18.45
N HIS A 256 -1.17 21.38 -18.03
CA HIS A 256 -0.12 21.86 -18.91
C HIS A 256 0.71 20.69 -19.50
N ARG A 257 1.08 19.74 -18.64
CA ARG A 257 1.89 18.60 -19.07
C ARG A 257 1.17 17.68 -20.05
N THR A 258 -0.15 17.55 -19.93
CA THR A 258 -0.85 16.60 -20.78
C THR A 258 -1.48 17.26 -21.98
N GLY A 259 -1.70 18.56 -21.90
CA GLY A 259 -2.43 19.25 -22.95
C GLY A 259 -3.93 19.02 -22.85
N VAL A 260 -4.38 18.43 -21.76
CA VAL A 260 -5.81 18.17 -21.59
C VAL A 260 -6.37 19.14 -20.54
N SER A 261 -7.39 19.90 -20.92
CA SER A 261 -7.92 20.95 -20.04
C SER A 261 -8.73 20.41 -18.88
N VAL A 262 -8.80 21.19 -17.81
CA VAL A 262 -9.63 20.84 -16.66
C VAL A 262 -11.10 20.64 -17.09
N GLU A 263 -11.57 21.49 -18.00
CA GLU A 263 -12.96 21.39 -18.43
C GLU A 263 -13.23 20.10 -19.20
N GLN A 264 -12.22 19.58 -19.90
CA GLN A 264 -12.35 18.31 -20.60
C GLN A 264 -12.43 17.14 -19.62
N MET A 265 -11.67 17.24 -18.53
CA MET A 265 -11.66 16.22 -17.51
C MET A 265 -12.97 16.18 -16.73
N LEU A 266 -13.55 17.34 -16.44
CA LEU A 266 -14.84 17.35 -15.77
C LEU A 266 -15.95 16.80 -16.68
N ALA A 267 -15.82 17.02 -17.99
CA ALA A 267 -16.79 16.47 -18.94
C ALA A 267 -16.64 14.97 -18.94
N ALA A 268 -15.40 14.50 -18.89
CA ALA A 268 -15.13 13.07 -18.90
C ALA A 268 -15.72 12.39 -17.68
N ILE A 269 -15.63 13.05 -16.52
CA ILE A 269 -16.28 12.57 -15.30
C ILE A 269 -17.78 12.40 -15.46
N GLN A 270 -18.47 13.40 -16.04
CA GLN A 270 -19.91 13.26 -16.25
C GLN A 270 -20.27 12.09 -17.18
N SER A 271 -19.50 11.89 -18.24
N SER A 271 -19.49 11.89 -18.24
CA SER A 271 -19.75 10.78 -19.15
CA SER A 271 -19.74 10.77 -19.16
C SER A 271 -19.43 9.43 -18.48
C SER A 271 -19.41 9.42 -18.51
N LEU A 272 -18.25 9.36 -17.85
CA LEU A 272 -17.80 8.13 -17.20
C LEU A 272 -18.72 7.72 -16.04
N HIS A 273 -19.30 8.72 -15.37
CA HIS A 273 -20.19 8.42 -14.26
C HIS A 273 -21.40 7.65 -14.75
N ALA A 274 -21.89 7.99 -15.93
CA ALA A 274 -23.02 7.28 -16.55
C ALA A 274 -22.62 5.86 -16.97
N GLY A 275 -21.33 5.62 -17.18
CA GLY A 275 -20.84 4.29 -17.52
C GLY A 275 -19.54 4.27 -18.27
N PHE A 276 -18.75 3.21 -18.09
CA PHE A 276 -17.45 3.11 -18.71
C PHE A 276 -17.43 2.43 -20.09
N GLN A 277 -18.62 2.18 -20.64
CA GLN A 277 -18.74 1.63 -22.00
C GLN A 277 -17.88 0.38 -22.18
N GLY A 278 -17.82 -0.46 -21.14
CA GLY A 278 -17.08 -1.70 -21.19
C GLY A 278 -15.57 -1.52 -21.32
N LYS A 279 -15.06 -0.40 -20.83
CA LYS A 279 -13.63 -0.12 -20.95
C LYS A 279 -13.00 0.12 -19.58
N THR A 280 -11.67 0.19 -19.53
CA THR A 280 -10.99 0.43 -18.27
C THR A 280 -10.05 1.62 -18.29
N ILE A 281 -9.81 2.18 -17.11
CA ILE A 281 -8.83 3.23 -16.97
C ILE A 281 -7.83 2.80 -15.91
N LEU A 282 -6.57 2.64 -16.29
CA LEU A 282 -5.53 2.18 -15.35
C LEU A 282 -6.03 0.96 -14.59
N GLY A 283 -6.70 0.07 -15.32
CA GLY A 283 -7.15 -1.19 -14.78
C GLY A 283 -8.50 -1.22 -14.09
N GLN A 284 -9.16 -0.06 -13.94
CA GLN A 284 -10.44 0.00 -13.21
C GLN A 284 -11.62 0.36 -14.12
N SER A 285 -12.79 -0.06 -13.69
CA SER A 285 -14.03 0.31 -14.39
C SER A 285 -14.92 1.16 -13.49
N THR A 286 -14.31 1.76 -12.47
CA THR A 286 -14.99 2.73 -11.63
C THR A 286 -14.07 3.92 -11.43
N LEU A 287 -14.66 5.07 -11.09
CA LEU A 287 -13.87 6.26 -10.79
C LEU A 287 -13.08 6.10 -9.50
N GLU A 288 -11.79 6.43 -9.56
CA GLU A 288 -10.90 6.37 -8.41
C GLU A 288 -10.74 7.77 -7.81
N ASP A 289 -11.15 7.95 -6.56
CA ASP A 289 -11.09 9.27 -5.96
C ASP A 289 -10.22 9.36 -4.71
N GLU A 290 -9.29 8.43 -4.53
CA GLU A 290 -8.45 8.46 -3.32
C GLU A 290 -7.01 8.88 -3.59
N PHE A 291 -6.68 9.19 -4.85
CA PHE A 291 -5.40 9.81 -5.19
C PHE A 291 -5.53 11.34 -5.21
N THR A 292 -4.77 12.03 -4.36
CA THR A 292 -4.70 13.49 -4.44
C THR A 292 -3.84 13.92 -5.63
N PRO A 293 -3.98 15.20 -6.05
CA PRO A 293 -3.03 15.70 -7.04
C PRO A 293 -1.58 15.56 -6.59
N ASP A 294 -1.30 15.73 -5.30
CA ASP A 294 0.08 15.58 -4.82
C ASP A 294 0.57 14.13 -4.90
N ASP A 295 -0.31 13.16 -4.58
CA ASP A 295 0.02 11.74 -4.70
C ASP A 295 0.37 11.43 -6.16
N VAL A 296 -0.46 11.91 -7.08
CA VAL A 296 -0.23 11.71 -8.50
C VAL A 296 1.12 12.33 -8.89
N ASN A 297 1.35 13.57 -8.49
CA ASN A 297 2.60 14.25 -8.88
C ASN A 297 3.84 13.46 -8.53
N MET A 298 3.83 12.81 -7.35
CA MET A 298 4.96 12.00 -6.92
C MET A 298 5.20 10.83 -7.87
N GLN A 299 4.12 10.21 -8.35
CA GLN A 299 4.28 9.01 -9.17
C GLN A 299 4.37 9.30 -10.68
N VAL A 300 4.24 10.57 -11.06
CA VAL A 300 4.47 10.90 -12.46
C VAL A 300 5.63 11.87 -12.61
N MET A 301 6.45 11.99 -11.58
CA MET A 301 7.58 12.90 -11.62
C MET A 301 8.46 12.51 -12.80
N GLY A 302 8.83 13.50 -13.61
CA GLY A 302 9.68 13.27 -14.76
C GLY A 302 9.08 12.47 -15.90
N VAL A 303 7.81 12.10 -15.77
CA VAL A 303 7.14 11.34 -16.82
C VAL A 303 6.72 12.28 -17.94
N VAL A 304 7.09 11.89 -19.16
CA VAL A 304 6.88 12.74 -20.32
C VAL A 304 5.68 12.26 -21.12
N MET A 305 4.83 13.21 -21.51
CA MET A 305 3.63 12.90 -22.29
C MET A 305 3.99 12.26 -23.63
N GLN A 306 3.26 11.22 -24.02
CA GLN A 306 3.51 10.59 -25.30
C GLN A 306 2.29 10.66 -26.21
N SER B 1 -13.22 -5.31 9.66
CA SER B 1 -13.56 -5.60 8.27
C SER B 1 -12.89 -4.63 7.32
N GLY B 2 -13.15 -4.83 6.02
CA GLY B 2 -12.53 -4.04 4.97
C GLY B 2 -11.38 -4.79 4.32
N LEU B 3 -11.19 -4.57 3.02
CA LEU B 3 -10.11 -5.25 2.30
C LEU B 3 -9.33 -4.23 1.47
N VAL B 4 -8.07 -4.05 1.83
CA VAL B 4 -7.23 -3.09 1.11
C VAL B 4 -5.92 -3.74 0.74
N LYS B 5 -5.19 -3.10 -0.16
CA LYS B 5 -3.84 -3.53 -0.46
C LYS B 5 -2.92 -3.20 0.71
N MET B 6 -2.51 -4.21 1.46
CA MET B 6 -1.62 -4.06 2.60
C MET B 6 -0.18 -4.50 2.33
N SER B 7 0.80 -3.73 2.79
CA SER B 7 2.20 -4.11 2.69
C SER B 7 2.78 -4.49 4.04
N ALA B 8 3.87 -5.23 4.03
CA ALA B 8 4.62 -5.52 5.25
C ALA B 8 5.33 -4.24 5.70
N PRO B 9 5.34 -3.97 7.02
CA PRO B 9 6.01 -2.76 7.52
C PRO B 9 7.46 -2.67 7.03
N SER B 10 7.94 -1.47 6.72
CA SER B 10 9.20 -1.39 5.97
C SER B 10 10.46 -1.09 6.78
N GLY B 11 10.32 -0.87 8.09
CA GLY B 11 11.43 -0.34 8.88
C GLY B 11 12.70 -1.17 8.78
N ALA B 12 12.53 -2.48 8.86
CA ALA B 12 13.66 -3.38 8.88
C ALA B 12 14.43 -3.27 7.57
N VAL B 13 13.71 -3.03 6.48
CA VAL B 13 14.32 -2.89 5.16
C VAL B 13 14.91 -1.48 4.95
N GLU B 14 14.24 -0.46 5.46
CA GLU B 14 14.73 0.90 5.35
C GLU B 14 16.17 1.00 5.85
N ASN B 15 16.47 0.26 6.92
CA ASN B 15 17.81 0.26 7.51
C ASN B 15 18.89 -0.34 6.60
N CYS B 16 18.49 -0.88 5.47
CA CYS B 16 19.49 -1.55 4.62
C CYS B 16 19.66 -0.87 3.28
N ILE B 17 18.91 0.21 3.04
CA ILE B 17 19.01 0.87 1.76
C ILE B 17 20.22 1.79 1.72
N VAL B 18 20.98 1.72 0.62
CA VAL B 18 22.09 2.63 0.38
C VAL B 18 22.05 3.17 -1.04
N GLN B 19 22.92 4.13 -1.32
CA GLN B 19 23.05 4.69 -2.66
C GLN B 19 24.32 4.14 -3.27
N VAL B 20 24.26 3.70 -4.52
CA VAL B 20 25.44 3.20 -5.21
C VAL B 20 25.68 4.01 -6.49
N THR B 21 26.88 4.55 -6.61
CA THR B 21 27.24 5.34 -7.78
C THR B 21 28.42 4.69 -8.48
N CYS B 22 28.32 4.57 -9.79
CA CYS B 22 29.45 4.12 -10.62
C CYS B 22 29.55 5.02 -11.84
N GLY B 23 30.58 5.87 -11.87
CA GLY B 23 30.71 6.87 -12.91
C GLY B 23 29.56 7.86 -12.93
N SER B 24 28.87 7.94 -14.05
CA SER B 24 27.75 8.86 -14.21
C SER B 24 26.44 8.27 -13.73
N MET B 25 26.44 6.98 -13.40
CA MET B 25 25.21 6.28 -13.06
C MET B 25 25.04 6.14 -11.55
N THR B 26 23.83 6.39 -11.08
N THR B 26 23.82 6.36 -11.08
CA THR B 26 23.56 6.16 -9.68
CA THR B 26 23.50 6.26 -9.67
C THR B 26 22.24 5.44 -9.51
C THR B 26 22.20 5.49 -9.49
N LEU B 27 22.14 4.65 -8.44
CA LEU B 27 20.94 3.88 -8.13
C LEU B 27 20.94 3.35 -6.70
N ASN B 28 19.93 2.55 -6.36
CA ASN B 28 19.85 2.06 -4.99
C ASN B 28 20.45 0.68 -4.83
N GLY B 29 20.93 0.41 -3.61
CA GLY B 29 21.49 -0.88 -3.29
C GLY B 29 20.95 -1.35 -1.96
N LEU B 30 21.15 -2.63 -1.69
CA LEU B 30 20.69 -3.28 -0.46
C LEU B 30 21.92 -3.74 0.33
N TRP B 31 22.05 -3.26 1.57
CA TRP B 31 23.23 -3.55 2.40
C TRP B 31 22.93 -4.52 3.54
N LEU B 32 23.45 -5.75 3.41
CA LEU B 32 23.27 -6.81 4.40
C LEU B 32 24.64 -7.30 4.79
N ASP B 33 24.92 -7.34 6.09
CA ASP B 33 26.23 -7.75 6.57
C ASP B 33 27.28 -6.93 5.82
N ASN B 34 28.27 -7.59 5.21
CA ASN B 34 29.32 -6.88 4.47
C ASN B 34 29.06 -6.84 2.97
N THR B 35 27.83 -7.09 2.57
CA THR B 35 27.47 -7.14 1.15
C THR B 35 26.50 -6.02 0.75
N VAL B 36 26.74 -5.46 -0.43
CA VAL B 36 25.82 -4.53 -1.05
C VAL B 36 25.44 -5.08 -2.41
N TRP B 37 24.14 -5.23 -2.64
CA TRP B 37 23.62 -5.71 -3.92
C TRP B 37 23.07 -4.55 -4.71
N CYS B 38 23.33 -4.54 -6.01
CA CYS B 38 22.68 -3.57 -6.89
C CYS B 38 22.60 -4.12 -8.32
N PRO B 39 21.73 -3.54 -9.17
CA PRO B 39 21.65 -4.04 -10.55
C PRO B 39 22.98 -3.86 -11.28
N ARG B 40 23.35 -4.83 -12.11
CA ARG B 40 24.65 -4.71 -12.76
C ARG B 40 24.67 -3.62 -13.84
N HIS B 41 23.51 -3.15 -14.29
CA HIS B 41 23.53 -2.12 -15.34
C HIS B 41 23.98 -0.76 -14.83
N ILE B 42 24.33 -0.70 -13.56
CA ILE B 42 24.94 0.50 -13.04
C ILE B 42 26.31 0.72 -13.69
N MET B 43 26.90 -0.35 -14.25
CA MET B 43 28.24 -0.26 -14.83
C MET B 43 28.24 0.26 -16.25
N CYS B 44 27.05 0.40 -16.82
CA CYS B 44 26.91 0.67 -18.25
C CYS B 44 26.64 2.14 -18.55
N PRO B 45 27.45 2.73 -19.45
CA PRO B 45 27.25 4.10 -19.95
C PRO B 45 26.01 4.22 -20.82
N ALA B 46 25.37 5.38 -20.83
CA ALA B 46 24.17 5.62 -21.63
C ALA B 46 24.31 5.13 -23.08
N ASP B 47 25.52 5.19 -23.61
CA ASP B 47 25.79 4.78 -24.98
C ASP B 47 25.49 3.30 -25.23
N GLN B 48 26.28 2.41 -24.62
CA GLN B 48 26.19 0.98 -24.94
C GLN B 48 25.06 0.25 -24.17
N LEU B 49 24.03 0.98 -23.76
CA LEU B 49 22.86 0.37 -23.14
C LEU B 49 22.19 -0.62 -24.09
N THR B 50 22.52 -0.51 -25.38
CA THR B 50 21.86 -1.30 -26.41
C THR B 50 22.30 -2.77 -26.32
N ASP B 51 23.61 -2.97 -26.26
CA ASP B 51 24.17 -4.32 -26.17
C ASP B 51 25.41 -4.31 -25.28
N PRO B 52 25.20 -4.24 -23.96
CA PRO B 52 26.34 -4.14 -23.05
C PRO B 52 27.12 -5.44 -22.93
N ASN B 53 28.43 -5.31 -22.86
CA ASN B 53 29.30 -6.43 -22.56
C ASN B 53 29.65 -6.34 -21.08
N TYR B 54 28.79 -6.92 -20.25
CA TYR B 54 28.93 -6.82 -18.80
C TYR B 54 30.21 -7.45 -18.29
N ASP B 55 30.66 -8.50 -18.94
CA ASP B 55 31.90 -9.15 -18.54
C ASP B 55 33.09 -8.21 -18.73
N ALA B 56 33.10 -7.47 -19.83
CA ALA B 56 34.15 -6.49 -20.07
C ALA B 56 34.02 -5.30 -19.13
N LEU B 57 32.79 -4.79 -18.99
CA LEU B 57 32.51 -3.72 -18.04
C LEU B 57 33.05 -4.10 -16.65
N LEU B 58 32.75 -5.31 -16.21
CA LEU B 58 33.15 -5.74 -14.87
C LEU B 58 34.66 -5.61 -14.66
N ILE B 59 35.45 -6.03 -15.65
CA ILE B 59 36.90 -6.03 -15.45
C ILE B 59 37.48 -4.62 -15.61
N SER B 60 36.83 -3.77 -16.38
CA SER B 60 37.25 -2.38 -16.50
C SER B 60 36.99 -1.57 -15.22
N LYS B 61 36.11 -2.08 -14.35
CA LYS B 61 35.82 -1.39 -13.09
C LYS B 61 36.81 -1.78 -12.00
N THR B 62 37.24 -0.81 -11.22
CA THR B 62 37.96 -1.14 -10.00
C THR B 62 37.02 -0.98 -8.83
N ASN B 63 37.39 -1.52 -7.68
CA ASN B 63 36.61 -1.32 -6.47
C ASN B 63 36.38 0.16 -6.13
N HIS B 64 37.33 1.00 -6.53
CA HIS B 64 37.20 2.44 -6.28
C HIS B 64 36.23 3.09 -7.26
N SER B 65 35.82 2.35 -8.29
CA SER B 65 34.83 2.84 -9.24
C SER B 65 33.48 3.01 -8.57
N PHE B 66 33.30 2.31 -7.46
CA PHE B 66 32.00 2.19 -6.81
C PHE B 66 31.92 2.98 -5.53
N ILE B 67 31.01 3.95 -5.51
CA ILE B 67 30.81 4.76 -4.33
C ILE B 67 29.49 4.39 -3.64
N VAL B 68 29.57 4.01 -2.38
CA VAL B 68 28.41 3.49 -1.65
C VAL B 68 28.22 4.31 -0.40
N GLN B 69 27.04 4.90 -0.28
CA GLN B 69 26.77 5.76 0.87
C GLN B 69 25.43 5.46 1.52
N LYS B 70 25.37 5.53 2.84
CA LYS B 70 24.10 5.50 3.53
C LYS B 70 23.75 6.94 3.89
N HIS B 71 22.56 7.38 3.47
CA HIS B 71 22.15 8.77 3.62
C HIS B 71 21.12 8.98 4.72
N ILE B 72 20.60 7.88 5.24
CA ILE B 72 19.55 7.95 6.24
C ILE B 72 20.05 7.29 7.50
N GLY B 73 19.40 7.58 8.63
CA GLY B 73 19.81 7.00 9.90
C GLY B 73 21.27 7.23 10.20
N ALA B 74 21.94 6.22 10.74
CA ALA B 74 23.38 6.27 10.96
C ALA B 74 24.10 6.30 9.61
N GLN B 75 24.48 7.50 9.16
CA GLN B 75 25.06 7.64 7.83
C GLN B 75 26.41 6.97 7.76
N ALA B 76 26.88 6.70 6.54
CA ALA B 76 28.09 5.91 6.36
C ALA B 76 28.62 6.04 4.94
N ASN B 77 29.93 6.19 4.82
CA ASN B 77 30.61 6.02 3.55
C ASN B 77 31.31 4.67 3.57
N LEU B 78 30.95 3.79 2.64
CA LEU B 78 31.38 2.42 2.69
C LEU B 78 32.42 2.12 1.61
N ARG B 79 33.52 1.52 2.02
CA ARG B 79 34.61 1.21 1.13
C ARG B 79 34.37 -0.14 0.47
N VAL B 80 34.36 -0.16 -0.86
CA VAL B 80 34.19 -1.40 -1.61
C VAL B 80 35.54 -2.10 -1.75
N VAL B 81 35.61 -3.38 -1.38
CA VAL B 81 36.88 -4.10 -1.36
C VAL B 81 36.86 -5.34 -2.26
N ALA B 82 35.71 -5.62 -2.84
CA ALA B 82 35.59 -6.65 -3.85
C ALA B 82 34.29 -6.46 -4.60
N HIS B 83 34.25 -6.90 -5.87
CA HIS B 83 33.02 -6.87 -6.63
C HIS B 83 32.95 -8.09 -7.55
N SER B 84 31.78 -8.69 -7.65
CA SER B 84 31.61 -9.79 -8.57
C SER B 84 30.21 -9.80 -9.14
N MET B 85 30.02 -10.54 -10.22
CA MET B 85 28.71 -10.60 -10.84
C MET B 85 27.87 -11.77 -10.38
N VAL B 86 26.58 -11.52 -10.22
CA VAL B 86 25.64 -12.54 -9.79
C VAL B 86 24.43 -12.43 -10.69
N GLY B 87 24.47 -13.10 -11.83
CA GLY B 87 23.44 -12.92 -12.85
C GLY B 87 23.38 -11.45 -13.24
N VAL B 88 22.20 -10.84 -13.13
CA VAL B 88 22.00 -9.45 -13.53
C VAL B 88 22.21 -8.52 -12.35
N LEU B 89 22.83 -9.06 -11.30
CA LEU B 89 23.14 -8.28 -10.11
C LEU B 89 24.64 -8.12 -9.97
N LEU B 90 25.02 -7.04 -9.32
CA LEU B 90 26.39 -6.85 -8.88
C LEU B 90 26.44 -7.10 -7.38
N LYS B 91 27.44 -7.84 -6.94
CA LYS B 91 27.60 -8.06 -5.52
C LYS B 91 28.88 -7.39 -5.05
N LEU B 92 28.71 -6.30 -4.31
CA LEU B 92 29.85 -5.54 -3.78
C LEU B 92 30.12 -6.00 -2.37
N THR B 93 31.40 -6.13 -2.02
CA THR B 93 31.76 -6.40 -0.64
C THR B 93 32.31 -5.11 -0.06
N VAL B 94 31.81 -4.73 1.12
CA VAL B 94 32.28 -3.51 1.78
C VAL B 94 32.96 -3.80 3.12
N ASP B 95 33.79 -2.85 3.57
CA ASP B 95 34.64 -3.09 4.74
C ASP B 95 33.92 -2.95 6.09
N VAL B 96 32.63 -2.55 6.06
CA VAL B 96 31.84 -2.42 7.29
C VAL B 96 30.56 -3.25 7.18
N ALA B 97 30.24 -4.01 8.22
CA ALA B 97 29.00 -4.79 8.22
C ALA B 97 27.87 -3.88 8.69
N ASN B 98 26.71 -3.96 8.02
CA ASN B 98 25.55 -3.18 8.40
C ASN B 98 25.13 -3.57 9.81
N PRO B 99 25.30 -2.65 10.77
CA PRO B 99 24.91 -2.97 12.15
C PRO B 99 23.43 -3.31 12.28
N SER B 100 22.61 -2.82 11.35
CA SER B 100 21.18 -3.00 11.48
C SER B 100 20.66 -4.08 10.54
N THR B 101 21.52 -5.01 10.15
CA THR B 101 21.10 -6.13 9.32
C THR B 101 20.06 -6.96 10.06
N PRO B 102 18.87 -7.14 9.45
CA PRO B 102 17.87 -7.98 10.08
C PRO B 102 18.15 -9.45 9.86
N ALA B 103 17.46 -10.32 10.59
CA ALA B 103 17.46 -11.71 10.20
C ALA B 103 16.84 -11.79 8.81
N TYR B 104 17.47 -12.49 7.87
CA TYR B 104 16.91 -12.53 6.52
C TYR B 104 17.15 -13.82 5.75
N THR B 105 16.30 -14.03 4.75
CA THR B 105 16.49 -15.07 3.75
C THR B 105 16.25 -14.49 2.36
N PHE B 106 16.59 -15.28 1.35
CA PHE B 106 16.28 -14.96 -0.04
C PHE B 106 15.31 -15.99 -0.56
N SER B 107 14.39 -15.59 -1.43
CA SER B 107 13.64 -16.61 -2.17
C SER B 107 13.16 -16.06 -3.51
N THR B 108 12.65 -16.93 -4.36
CA THR B 108 12.12 -16.54 -5.67
C THR B 108 10.65 -16.89 -5.67
N VAL B 109 9.78 -15.88 -5.83
CA VAL B 109 8.34 -16.10 -5.81
C VAL B 109 7.85 -16.61 -7.15
N LYS B 110 6.67 -17.22 -7.13
CA LYS B 110 6.04 -17.80 -8.31
C LYS B 110 4.92 -16.90 -8.82
N PRO B 111 4.58 -17.01 -10.12
CA PRO B 111 3.49 -16.19 -10.64
C PRO B 111 2.25 -16.35 -9.78
N GLY B 112 1.57 -15.26 -9.48
CA GLY B 112 0.45 -15.33 -8.57
C GLY B 112 0.76 -14.95 -7.13
N ALA B 113 2.04 -14.87 -6.78
CA ALA B 113 2.40 -14.51 -5.40
C ALA B 113 2.44 -13.00 -5.21
N SER B 114 2.17 -12.53 -4.00
CA SER B 114 2.29 -11.11 -3.74
CA SER B 114 2.26 -11.12 -3.67
C SER B 114 3.51 -10.81 -2.85
N PHE B 115 4.06 -9.62 -3.01
CA PHE B 115 5.12 -9.19 -2.11
C PHE B 115 5.10 -7.67 -1.95
N SER B 116 5.82 -7.17 -0.95
CA SER B 116 5.86 -5.74 -0.69
C SER B 116 7.08 -5.14 -1.35
N VAL B 117 6.99 -3.86 -1.72
CA VAL B 117 8.11 -3.18 -2.38
C VAL B 117 8.42 -1.86 -1.69
N LEU B 118 9.69 -1.63 -1.40
CA LEU B 118 10.12 -0.36 -0.87
C LEU B 118 10.75 0.42 -2.00
N ALA B 119 9.99 1.37 -2.54
CA ALA B 119 10.48 2.19 -3.64
C ALA B 119 11.51 3.14 -3.06
N CYS B 120 12.65 3.24 -3.73
CA CYS B 120 13.76 4.05 -3.28
C CYS B 120 14.27 4.97 -4.39
N TYR B 121 14.91 6.06 -3.98
CA TYR B 121 15.45 7.03 -4.92
C TYR B 121 16.70 7.69 -4.31
N ASN B 122 17.81 7.63 -5.03
CA ASN B 122 19.10 8.13 -4.55
C ASN B 122 19.46 7.58 -3.20
N GLY B 123 19.06 6.34 -2.94
CA GLY B 123 19.38 5.68 -1.70
C GLY B 123 18.45 6.04 -0.56
N LYS B 124 17.35 6.69 -0.88
CA LYS B 124 16.40 7.07 0.16
C LYS B 124 15.06 6.39 -0.05
N PRO B 125 14.59 5.64 0.96
CA PRO B 125 13.26 5.01 0.89
C PRO B 125 12.21 6.08 0.69
N THR B 126 11.31 5.92 -0.26
CA THR B 126 10.34 6.96 -0.49
C THR B 126 8.89 6.46 -0.38
N GLY B 127 8.69 5.16 -0.53
CA GLY B 127 7.33 4.65 -0.50
C GLY B 127 7.23 3.14 -0.43
N VAL B 128 6.11 2.68 0.10
CA VAL B 128 5.80 1.26 0.20
C VAL B 128 4.54 0.92 -0.57
N PHE B 129 4.57 -0.19 -1.31
CA PHE B 129 3.34 -0.71 -1.94
C PHE B 129 3.44 -2.21 -2.13
N THR B 130 2.31 -2.84 -2.45
CA THR B 130 2.27 -4.28 -2.67
C THR B 130 2.05 -4.58 -4.14
N VAL B 131 2.74 -5.59 -4.66
CA VAL B 131 2.47 -6.01 -6.02
C VAL B 131 2.19 -7.50 -6.07
N ASN B 132 1.91 -8.00 -7.27
CA ASN B 132 1.65 -9.41 -7.48
CA ASN B 132 1.61 -9.40 -7.51
C ASN B 132 2.39 -9.86 -8.75
N LEU B 133 3.09 -11.00 -8.67
CA LEU B 133 3.83 -11.45 -9.84
C LEU B 133 2.84 -11.96 -10.88
N ARG B 134 2.75 -11.27 -12.01
CA ARG B 134 1.78 -11.59 -13.07
C ARG B 134 2.10 -12.89 -13.76
N HIS B 135 1.13 -13.40 -14.50
CA HIS B 135 1.31 -14.66 -15.23
C HIS B 135 2.58 -14.67 -16.11
N ASN B 136 2.90 -13.53 -16.71
CA ASN B 136 4.09 -13.45 -17.55
C ASN B 136 5.33 -13.00 -16.76
N SER B 137 5.24 -13.13 -15.45
CA SER B 137 6.36 -12.80 -14.54
C SER B 137 6.84 -11.34 -14.62
N THR B 138 5.92 -10.45 -14.95
CA THR B 138 6.16 -9.03 -14.76
C THR B 138 5.42 -8.61 -13.48
N ILE B 139 5.67 -7.40 -13.00
CA ILE B 139 4.82 -6.83 -11.96
C ILE B 139 4.28 -5.50 -12.45
N LYS B 140 3.10 -5.14 -11.95
CA LYS B 140 2.49 -3.85 -12.27
C LYS B 140 2.75 -2.93 -11.08
N GLY B 141 3.83 -2.19 -11.16
CA GLY B 141 4.20 -1.37 -10.04
C GLY B 141 4.18 0.09 -10.39
N SER B 142 5.00 0.85 -9.67
CA SER B 142 5.18 2.27 -9.88
C SER B 142 6.63 2.61 -9.58
N PHE B 143 7.40 2.83 -10.64
CA PHE B 143 8.84 3.00 -10.56
C PHE B 143 9.28 4.09 -11.48
N LEU B 144 10.12 4.98 -10.99
CA LEU B 144 10.67 6.04 -11.82
C LEU B 144 12.13 5.74 -12.15
N CYS B 145 12.77 6.65 -12.88
CA CYS B 145 14.12 6.42 -13.40
C CYS B 145 15.12 5.88 -12.37
N GLY B 146 15.38 6.66 -11.32
CA GLY B 146 16.38 6.27 -10.36
C GLY B 146 15.88 5.31 -9.31
N SER B 147 14.81 4.59 -9.61
CA SER B 147 14.26 3.62 -8.67
C SER B 147 14.86 2.23 -8.81
N CYS B 148 15.71 2.04 -9.82
CA CYS B 148 16.43 0.77 -9.96
C CYS B 148 17.14 0.41 -8.68
N GLY B 149 17.06 -0.85 -8.30
CA GLY B 149 17.62 -1.29 -7.04
C GLY B 149 16.63 -1.28 -5.89
N SER B 150 15.43 -0.72 -6.12
CA SER B 150 14.35 -0.80 -5.14
C SER B 150 14.07 -2.26 -4.77
N VAL B 151 13.59 -2.50 -3.55
CA VAL B 151 13.61 -3.85 -3.00
C VAL B 151 12.22 -4.42 -2.71
N GLY B 152 11.96 -5.64 -3.19
CA GLY B 152 10.75 -6.36 -2.83
C GLY B 152 11.01 -7.44 -1.81
N TYR B 153 10.04 -7.67 -0.93
CA TYR B 153 10.25 -8.52 0.23
C TYR B 153 8.92 -9.00 0.83
N THR B 154 8.99 -10.09 1.59
CA THR B 154 7.89 -10.51 2.46
C THR B 154 8.44 -10.68 3.87
N GLU B 155 7.56 -10.81 4.85
CA GLU B 155 7.96 -11.11 6.24
C GLU B 155 7.60 -12.55 6.65
N ASN B 156 8.56 -13.26 7.24
CA ASN B 156 8.35 -14.63 7.74
C ASN B 156 8.82 -14.85 9.19
N GLY B 157 8.10 -14.27 10.14
CA GLY B 157 8.41 -14.49 11.55
C GLY B 157 9.65 -13.80 12.10
N GLY B 158 9.73 -12.48 11.92
CA GLY B 158 10.88 -11.73 12.38
C GLY B 158 12.03 -11.83 11.36
N VAL B 159 11.72 -12.48 10.25
CA VAL B 159 12.69 -12.65 9.19
C VAL B 159 12.19 -11.90 7.97
N ILE B 160 13.05 -11.06 7.39
CA ILE B 160 12.75 -10.45 6.11
C ILE B 160 13.17 -11.38 4.99
N ASN B 161 12.24 -11.68 4.10
CA ASN B 161 12.51 -12.55 2.97
C ASN B 161 12.66 -11.70 1.70
N PHE B 162 13.88 -11.55 1.18
CA PHE B 162 14.08 -10.68 0.02
C PHE B 162 13.82 -11.47 -1.25
N VAL B 163 13.00 -10.92 -2.14
CA VAL B 163 12.53 -11.66 -3.31
C VAL B 163 12.69 -10.89 -4.60
N TYR B 164 13.05 -9.61 -4.53
CA TYR B 164 13.03 -8.82 -5.75
C TYR B 164 13.92 -7.59 -5.66
N MET B 165 14.70 -7.35 -6.70
CA MET B 165 15.41 -6.08 -6.81
C MET B 165 15.02 -5.49 -8.15
N HIS B 166 14.58 -4.24 -8.14
CA HIS B 166 14.00 -3.68 -9.36
C HIS B 166 15.05 -3.45 -10.45
N GLN B 167 14.72 -3.85 -11.67
CA GLN B 167 15.71 -3.77 -12.76
C GLN B 167 15.29 -2.83 -13.90
N MET B 168 14.03 -2.92 -14.36
CA MET B 168 13.62 -2.10 -15.49
C MET B 168 12.13 -1.99 -15.74
N GLU B 169 11.77 -0.98 -16.53
CA GLU B 169 10.42 -0.85 -17.02
C GLU B 169 10.34 -1.33 -18.47
N LEU B 170 9.37 -2.19 -18.75
CA LEU B 170 9.22 -2.77 -20.08
C LEU B 170 8.28 -1.95 -20.94
N SER B 171 7.28 -1.38 -20.29
CA SER B 171 6.20 -0.61 -20.93
C SER B 171 5.39 0.08 -19.84
N ASN B 172 4.40 0.87 -20.22
CA ASN B 172 3.69 1.67 -19.23
C ASN B 172 3.18 0.80 -18.09
N GLY B 173 3.56 1.18 -16.86
CA GLY B 173 3.15 0.46 -15.67
C GLY B 173 3.54 -1.01 -15.62
N THR B 174 4.59 -1.38 -16.35
CA THR B 174 4.99 -2.78 -16.42
C THR B 174 6.47 -2.96 -16.18
N HIS B 175 6.81 -3.71 -15.14
CA HIS B 175 8.18 -3.74 -14.65
C HIS B 175 8.73 -5.13 -14.39
N THR B 176 10.05 -5.24 -14.38
CA THR B 176 10.58 -6.48 -13.86
C THR B 176 11.90 -6.26 -13.14
N GLY B 177 12.39 -7.34 -12.53
CA GLY B 177 13.53 -7.25 -11.64
C GLY B 177 14.05 -8.65 -11.45
N SER B 178 15.01 -8.82 -10.54
CA SER B 178 15.57 -10.14 -10.32
C SER B 178 15.40 -10.56 -8.88
N SER B 179 15.38 -11.87 -8.66
CA SER B 179 15.58 -12.37 -7.31
C SER B 179 17.06 -12.20 -6.98
N PHE B 180 17.46 -12.49 -5.76
CA PHE B 180 18.80 -12.15 -5.35
C PHE B 180 19.78 -13.28 -5.66
N ASP B 181 19.27 -14.35 -6.27
CA ASP B 181 20.19 -15.25 -6.99
C ASP B 181 20.63 -14.61 -8.31
N GLY B 182 20.06 -13.45 -8.64
CA GLY B 182 20.43 -12.71 -9.86
C GLY B 182 19.73 -13.22 -11.10
N VAL B 183 18.69 -14.01 -10.91
CA VAL B 183 17.89 -14.49 -12.04
C VAL B 183 16.75 -13.51 -12.31
N MET B 184 16.66 -12.96 -13.52
CA MET B 184 15.58 -12.03 -13.83
C MET B 184 14.23 -12.74 -13.81
N TYR B 185 13.21 -12.15 -13.21
CA TYR B 185 11.86 -12.68 -13.35
C TYR B 185 11.38 -12.53 -14.81
N GLY B 186 10.91 -13.61 -15.39
N GLY B 186 10.94 -13.62 -15.41
CA GLY B 186 10.41 -13.59 -16.76
CA GLY B 186 10.38 -13.58 -16.76
C GLY B 186 11.51 -13.80 -17.78
C GLY B 186 11.37 -13.74 -17.88
N ALA B 187 12.74 -13.90 -17.28
N ALA B 187 10.87 -13.62 -19.10
CA ALA B 187 13.93 -14.13 -18.10
CA ALA B 187 11.67 -13.76 -20.32
C ALA B 187 14.21 -13.00 -19.09
C ALA B 187 12.34 -12.44 -20.70
N PHE B 188 13.56 -11.85 -18.89
N PHE B 188 13.13 -11.88 -19.79
CA PHE B 188 13.84 -10.66 -19.68
CA PHE B 188 13.71 -10.55 -19.98
C PHE B 188 15.30 -10.28 -19.49
C PHE B 188 15.21 -10.45 -19.71
N GLU B 189 15.85 -9.55 -20.45
CA GLU B 189 17.28 -9.30 -20.38
C GLU B 189 17.51 -7.85 -20.02
N ASP B 190 18.60 -7.59 -19.28
CA ASP B 190 18.95 -6.24 -18.92
C ASP B 190 19.72 -5.58 -20.07
N LYS B 191 19.04 -5.47 -21.21
CA LYS B 191 19.51 -4.77 -22.40
C LYS B 191 18.43 -3.79 -22.85
N GLN B 192 18.80 -2.86 -23.72
CA GLN B 192 17.83 -1.91 -24.24
C GLN B 192 16.78 -2.64 -25.06
N THR B 193 17.20 -3.09 -26.25
CA THR B 193 16.46 -3.99 -27.14
C THR B 193 15.08 -4.44 -26.66
N HIS B 194 14.02 -3.87 -27.23
CA HIS B 194 12.65 -4.13 -26.75
C HIS B 194 12.30 -5.61 -26.85
N GLN B 195 11.76 -6.14 -25.75
CA GLN B 195 11.53 -7.58 -25.63
C GLN B 195 10.04 -7.89 -25.60
N LEU B 196 9.65 -9.01 -26.17
CA LEU B 196 8.25 -9.36 -26.21
C LEU B 196 7.80 -9.98 -24.89
N GLN B 197 6.72 -9.43 -24.34
CA GLN B 197 6.06 -10.00 -23.19
C GLN B 197 5.08 -11.09 -23.61
N LEU B 198 5.16 -12.24 -22.93
CA LEU B 198 4.13 -13.25 -23.02
C LEU B 198 2.80 -12.62 -22.63
N THR B 199 1.70 -13.18 -23.10
CA THR B 199 0.40 -12.59 -22.78
C THR B 199 0.08 -12.80 -21.29
N ASP B 200 -0.47 -11.78 -20.65
CA ASP B 200 -0.85 -11.89 -19.22
C ASP B 200 -2.18 -12.63 -19.10
N LYS B 201 -2.45 -13.16 -17.90
CA LYS B 201 -3.72 -13.82 -17.61
C LYS B 201 -4.22 -13.43 -16.22
N TYR B 202 -5.54 -13.49 -16.02
CA TYR B 202 -6.09 -13.36 -14.67
C TYR B 202 -5.71 -14.60 -13.86
N CYS B 203 -5.22 -14.38 -12.65
CA CYS B 203 -4.89 -15.48 -11.76
C CYS B 203 -6.17 -15.98 -11.11
N THR B 204 -6.65 -17.12 -11.58
CA THR B 204 -7.94 -17.61 -11.14
C THR B 204 -8.02 -17.81 -9.63
N ILE B 205 -7.02 -18.44 -9.03
CA ILE B 205 -7.08 -18.77 -7.61
C ILE B 205 -7.17 -17.50 -6.75
N ASN B 206 -6.60 -16.40 -7.25
CA ASN B 206 -6.64 -15.14 -6.51
C ASN B 206 -8.01 -14.47 -6.64
N VAL B 207 -8.58 -14.53 -7.84
CA VAL B 207 -9.93 -14.00 -8.06
C VAL B 207 -10.87 -14.68 -7.11
N VAL B 208 -10.75 -15.99 -7.02
CA VAL B 208 -11.60 -16.79 -6.15
C VAL B 208 -11.44 -16.35 -4.69
N ALA B 209 -10.21 -16.11 -4.27
CA ALA B 209 -9.96 -15.69 -2.89
C ALA B 209 -10.61 -14.33 -2.63
N TRP B 210 -10.62 -13.48 -3.65
CA TRP B 210 -11.19 -12.14 -3.58
C TRP B 210 -12.71 -12.21 -3.46
N LEU B 211 -13.32 -13.16 -4.18
CA LEU B 211 -14.76 -13.34 -4.10
C LEU B 211 -15.13 -13.83 -2.70
N TYR B 212 -14.31 -14.71 -2.13
CA TYR B 212 -14.53 -15.14 -0.75
C TYR B 212 -14.43 -13.95 0.20
N ALA B 213 -13.38 -13.15 0.04
CA ALA B 213 -13.24 -11.93 0.83
C ALA B 213 -14.46 -11.04 0.68
N ALA B 214 -15.03 -10.98 -0.51
CA ALA B 214 -16.25 -10.18 -0.74
C ALA B 214 -17.40 -10.74 0.07
N VAL B 215 -17.59 -12.05 -0.02
CA VAL B 215 -18.64 -12.72 0.72
C VAL B 215 -18.43 -12.52 2.22
N LEU B 216 -17.18 -12.60 2.67
CA LEU B 216 -16.87 -12.39 4.08
C LEU B 216 -17.08 -10.93 4.52
N ASN B 217 -17.36 -10.04 3.56
CA ASN B 217 -17.56 -8.63 3.88
C ASN B 217 -18.97 -8.15 3.51
N GLY B 218 -19.89 -9.10 3.37
CA GLY B 218 -21.30 -8.79 3.16
C GLY B 218 -21.72 -8.60 1.72
N CYS B 219 -20.80 -8.79 0.79
CA CYS B 219 -21.11 -8.66 -0.63
C CYS B 219 -21.24 -10.05 -1.24
N LYS B 220 -22.46 -10.40 -1.65
CA LYS B 220 -22.76 -11.78 -2.03
C LYS B 220 -23.80 -11.93 -3.16
N TRP B 221 -24.09 -10.83 -3.85
CA TRP B 221 -25.10 -10.84 -4.89
C TRP B 221 -24.73 -11.74 -6.09
N PHE B 222 -23.43 -11.93 -6.31
CA PHE B 222 -22.96 -12.68 -7.48
C PHE B 222 -23.08 -14.20 -7.31
N VAL B 223 -23.09 -14.65 -6.06
CA VAL B 223 -23.20 -16.08 -5.76
C VAL B 223 -24.54 -16.65 -6.21
N LYS B 224 -24.48 -17.71 -7.01
CA LYS B 224 -25.67 -18.38 -7.53
C LYS B 224 -25.65 -19.87 -7.16
N PRO B 225 -26.77 -20.58 -7.35
CA PRO B 225 -26.72 -22.02 -7.16
C PRO B 225 -25.85 -22.67 -8.24
N THR B 226 -25.73 -21.99 -9.37
CA THR B 226 -24.88 -22.42 -10.47
C THR B 226 -23.50 -22.88 -10.00
N ARG B 227 -23.08 -24.04 -10.48
CA ARG B 227 -21.73 -24.53 -10.28
C ARG B 227 -21.10 -24.81 -11.62
N VAL B 228 -19.79 -24.98 -11.62
CA VAL B 228 -19.07 -25.50 -12.79
C VAL B 228 -17.85 -26.22 -12.23
N GLY B 229 -17.67 -27.47 -12.65
CA GLY B 229 -16.61 -28.30 -12.12
C GLY B 229 -15.27 -27.74 -12.52
N ILE B 230 -14.23 -28.11 -11.76
CA ILE B 230 -12.89 -27.62 -11.97
C ILE B 230 -12.40 -27.99 -13.36
N VAL B 231 -12.54 -29.27 -13.70
CA VAL B 231 -12.17 -29.79 -15.00
C VAL B 231 -12.75 -28.92 -16.13
N THR B 232 -14.01 -28.55 -15.99
CA THR B 232 -14.70 -27.81 -17.02
C THR B 232 -14.29 -26.33 -17.07
N TYR B 233 -14.09 -25.74 -15.89
CA TYR B 233 -13.66 -24.35 -15.84
C TYR B 233 -12.29 -24.21 -16.46
N ASN B 234 -11.41 -25.17 -16.18
CA ASN B 234 -10.06 -25.11 -16.72
C ASN B 234 -10.01 -25.13 -18.24
N GLU B 235 -10.91 -25.90 -18.87
CA GLU B 235 -10.98 -25.91 -20.33
C GLU B 235 -11.38 -24.53 -20.81
N TRP B 236 -12.42 -23.98 -20.19
CA TRP B 236 -12.91 -22.63 -20.50
C TRP B 236 -11.83 -21.55 -20.28
N ALA B 237 -11.01 -21.76 -19.26
CA ALA B 237 -9.99 -20.79 -18.85
C ALA B 237 -8.97 -20.59 -19.97
N LEU B 238 -8.51 -21.70 -20.52
CA LEU B 238 -7.52 -21.70 -21.61
C LEU B 238 -7.89 -20.82 -22.79
N SER B 239 -9.18 -20.55 -22.94
CA SER B 239 -9.66 -19.76 -24.07
C SER B 239 -10.13 -18.38 -23.67
N ASN B 240 -9.98 -18.03 -22.40
CA ASN B 240 -10.51 -16.76 -21.93
C ASN B 240 -9.52 -15.99 -21.06
N GLN B 241 -8.25 -16.34 -21.18
CA GLN B 241 -7.16 -15.63 -20.51
C GLN B 241 -7.21 -15.69 -18.99
N PHE B 242 -7.63 -16.83 -18.46
CA PHE B 242 -7.52 -17.12 -17.03
C PHE B 242 -6.53 -18.27 -16.85
N THR B 243 -5.85 -18.29 -15.71
CA THR B 243 -5.02 -19.42 -15.34
C THR B 243 -5.90 -20.57 -14.93
N GLU B 244 -5.38 -21.79 -15.02
CA GLU B 244 -6.15 -22.94 -14.60
C GLU B 244 -6.23 -22.98 -13.07
N PHE B 245 -7.34 -23.48 -12.55
CA PHE B 245 -7.54 -23.56 -11.10
C PHE B 245 -6.93 -24.83 -10.52
N VAL B 246 -6.18 -24.66 -9.43
CA VAL B 246 -5.71 -25.78 -8.63
C VAL B 246 -6.07 -25.51 -7.17
N GLY B 247 -6.81 -26.43 -6.56
CA GLY B 247 -7.23 -26.27 -5.17
C GLY B 247 -6.07 -26.30 -4.19
N THR B 248 -6.21 -25.51 -3.13
CA THR B 248 -5.24 -25.47 -2.04
C THR B 248 -6.00 -25.45 -0.73
N GLN B 249 -5.31 -25.69 0.38
CA GLN B 249 -5.97 -25.74 1.69
C GLN B 249 -6.61 -24.40 2.09
N SER B 250 -5.93 -23.30 1.77
CA SER B 250 -6.44 -21.98 2.11
C SER B 250 -7.75 -21.67 1.39
N ILE B 251 -7.85 -22.14 0.15
CA ILE B 251 -9.08 -21.98 -0.60
C ILE B 251 -10.17 -22.79 0.07
N ASP B 252 -9.84 -24.02 0.42
CA ASP B 252 -10.81 -24.92 1.05
C ASP B 252 -11.32 -24.30 2.34
N MET B 253 -10.39 -23.78 3.13
CA MET B 253 -10.72 -23.11 4.38
C MET B 253 -11.71 -21.97 4.16
N LEU B 254 -11.49 -21.18 3.12
CA LEU B 254 -12.38 -20.07 2.81
C LEU B 254 -13.77 -20.54 2.34
N ALA B 255 -13.80 -21.56 1.47
CA ALA B 255 -15.06 -22.15 1.04
C ALA B 255 -15.81 -22.66 2.26
N HIS B 256 -15.03 -23.20 3.18
CA HIS B 256 -15.51 -23.75 4.42
C HIS B 256 -16.20 -22.68 5.29
N ARG B 257 -15.52 -21.56 5.55
CA ARG B 257 -16.06 -20.53 6.44
C ARG B 257 -17.14 -19.70 5.78
N THR B 258 -17.27 -19.80 4.46
CA THR B 258 -18.29 -19.05 3.74
C THR B 258 -19.53 -19.88 3.43
N GLY B 259 -19.36 -21.20 3.37
CA GLY B 259 -20.43 -22.07 2.93
C GLY B 259 -20.65 -22.02 1.43
N VAL B 260 -19.85 -21.21 0.73
CA VAL B 260 -19.89 -21.15 -0.72
C VAL B 260 -18.81 -22.04 -1.34
N SER B 261 -19.21 -22.87 -2.30
CA SER B 261 -18.30 -23.87 -2.88
C SER B 261 -17.42 -23.28 -3.98
N VAL B 262 -16.23 -23.85 -4.13
CA VAL B 262 -15.33 -23.46 -5.20
C VAL B 262 -16.02 -23.46 -6.57
N GLU B 263 -16.85 -24.46 -6.80
CA GLU B 263 -17.54 -24.57 -8.08
C GLU B 263 -18.50 -23.41 -8.30
N GLN B 264 -19.07 -22.90 -7.22
CA GLN B 264 -19.95 -21.73 -7.30
C GLN B 264 -19.17 -20.46 -7.66
N MET B 265 -17.97 -20.33 -7.09
CA MET B 265 -17.12 -19.18 -7.39
C MET B 265 -16.64 -19.20 -8.85
N LEU B 266 -16.23 -20.37 -9.33
CA LEU B 266 -15.82 -20.52 -10.72
C LEU B 266 -16.95 -20.17 -11.67
N ALA B 267 -18.18 -20.47 -11.25
CA ALA B 267 -19.35 -20.13 -12.05
C ALA B 267 -19.49 -18.61 -12.11
N ALA B 268 -19.39 -17.98 -10.95
CA ALA B 268 -19.49 -16.54 -10.85
C ALA B 268 -18.46 -15.87 -11.75
N ILE B 269 -17.25 -16.44 -11.78
CA ILE B 269 -16.17 -15.90 -12.62
C ILE B 269 -16.57 -15.85 -14.10
N GLN B 270 -17.02 -16.98 -14.65
CA GLN B 270 -17.47 -17.02 -16.03
C GLN B 270 -18.57 -15.99 -16.32
N SER B 271 -19.51 -15.87 -15.38
N SER B 271 -19.50 -15.86 -15.36
CA SER B 271 -20.58 -14.90 -15.52
CA SER B 271 -20.60 -14.91 -15.51
C SER B 271 -20.06 -13.47 -15.40
C SER B 271 -20.14 -13.47 -15.34
N LEU B 272 -19.30 -13.22 -14.34
CA LEU B 272 -18.77 -11.88 -14.09
C LEU B 272 -17.81 -11.47 -15.20
N HIS B 273 -17.19 -12.45 -15.84
CA HIS B 273 -16.30 -12.18 -16.97
C HIS B 273 -17.08 -11.58 -18.11
N ALA B 274 -18.36 -11.95 -18.22
CA ALA B 274 -19.23 -11.40 -19.25
C ALA B 274 -19.59 -9.95 -18.97
N GLY B 275 -19.80 -9.62 -17.69
CA GLY B 275 -20.06 -8.25 -17.29
C GLY B 275 -20.56 -8.18 -15.85
N PHE B 276 -20.36 -7.04 -15.21
CA PHE B 276 -20.85 -6.85 -13.84
C PHE B 276 -22.29 -6.33 -13.82
N GLN B 277 -22.86 -6.18 -15.02
CA GLN B 277 -24.26 -5.75 -15.20
C GLN B 277 -24.61 -4.53 -14.33
N GLY B 278 -23.68 -3.59 -14.25
CA GLY B 278 -23.92 -2.37 -13.50
C GLY B 278 -23.60 -2.45 -12.02
N LYS B 279 -23.53 -3.66 -11.47
CA LYS B 279 -23.24 -3.81 -10.05
C LYS B 279 -21.74 -3.80 -9.74
N THR B 280 -21.40 -3.80 -8.46
CA THR B 280 -20.00 -3.81 -8.06
C THR B 280 -19.71 -4.79 -6.93
N ILE B 281 -18.45 -5.19 -6.86
CA ILE B 281 -17.99 -6.08 -5.81
C ILE B 281 -16.84 -5.42 -5.06
N LEU B 282 -17.05 -5.16 -3.77
CA LEU B 282 -16.07 -4.43 -2.96
C LEU B 282 -15.69 -3.11 -3.62
N GLY B 283 -16.66 -2.50 -4.30
CA GLY B 283 -16.44 -1.22 -4.95
C GLY B 283 -15.81 -1.24 -6.33
N GLN B 284 -15.49 -2.43 -6.83
CA GLN B 284 -14.92 -2.55 -8.17
C GLN B 284 -15.91 -3.14 -9.17
N SER B 285 -15.74 -2.79 -10.45
CA SER B 285 -16.53 -3.36 -11.53
C SER B 285 -15.67 -4.21 -12.47
N THR B 286 -14.52 -4.63 -11.96
CA THR B 286 -13.68 -5.61 -12.64
C THR B 286 -13.22 -6.67 -11.65
N LEU B 287 -12.81 -7.81 -12.19
CA LEU B 287 -12.26 -8.88 -11.38
C LEU B 287 -10.88 -8.52 -10.84
N GLU B 288 -10.74 -8.59 -9.53
CA GLU B 288 -9.47 -8.34 -8.86
C GLU B 288 -8.70 -9.65 -8.68
N ASP B 289 -7.48 -9.72 -9.20
CA ASP B 289 -6.72 -10.96 -9.11
C ASP B 289 -5.36 -10.82 -8.44
N GLU B 290 -5.15 -9.75 -7.66
CA GLU B 290 -3.83 -9.58 -7.05
C GLU B 290 -3.83 -9.85 -5.53
N PHE B 291 -4.95 -10.32 -5.00
CA PHE B 291 -4.99 -10.82 -3.62
C PHE B 291 -4.87 -12.34 -3.58
N THR B 292 -3.84 -12.86 -2.92
CA THR B 292 -3.68 -14.31 -2.75
C THR B 292 -4.62 -14.82 -1.68
N PRO B 293 -4.86 -16.14 -1.65
CA PRO B 293 -5.67 -16.69 -0.55
C PRO B 293 -5.08 -16.40 0.83
N ASP B 294 -3.75 -16.37 0.92
CA ASP B 294 -3.12 -16.04 2.19
C ASP B 294 -3.32 -14.57 2.58
N ASP B 295 -3.18 -13.66 1.61
CA ASP B 295 -3.48 -12.24 1.85
C ASP B 295 -4.86 -12.09 2.44
N VAL B 296 -5.85 -12.76 1.86
CA VAL B 296 -7.23 -12.63 2.29
C VAL B 296 -7.41 -13.23 3.68
N ASN B 297 -6.84 -14.42 3.90
CA ASN B 297 -6.87 -15.06 5.22
C ASN B 297 -6.44 -14.10 6.32
N MET B 298 -5.33 -13.40 6.08
CA MET B 298 -4.81 -12.42 7.03
C MET B 298 -5.80 -11.30 7.36
N GLN B 299 -6.52 -10.79 6.36
CA GLN B 299 -7.46 -9.68 6.59
C GLN B 299 -8.86 -10.17 6.90
N VAL B 300 -9.00 -11.47 7.09
CA VAL B 300 -10.27 -12.01 7.56
C VAL B 300 -10.04 -12.90 8.79
N MET B 301 -8.81 -12.86 9.33
CA MET B 301 -8.55 -13.50 10.62
C MET B 301 -9.50 -12.88 11.63
N GLY B 302 -10.24 -13.72 12.35
CA GLY B 302 -11.21 -13.24 13.32
C GLY B 302 -12.35 -12.41 12.75
N VAL B 303 -13.10 -12.98 11.81
CA VAL B 303 -14.24 -12.29 11.22
C VAL B 303 -15.36 -13.30 10.91
N VAL B 304 -16.57 -13.01 11.42
CA VAL B 304 -17.74 -13.88 11.20
C VAL B 304 -18.84 -13.10 10.47
N MET B 305 -19.61 -13.82 9.64
CA MET B 305 -20.50 -13.20 8.65
C MET B 305 -21.85 -12.64 9.11
N GLN B 306 -22.66 -12.32 8.10
CA GLN B 306 -24.10 -12.08 8.24
C GLN B 306 -24.83 -12.82 7.11
C ACT C . 12.44 -1.74 13.44
O ACT C . 12.89 -2.65 12.70
OXT ACT C . 13.22 -0.79 13.68
CH3 ACT C . 11.04 -1.77 13.97
C ACT D . 13.65 12.55 24.01
O ACT D . 13.55 13.62 24.66
OXT ACT D . 14.76 11.96 24.07
CH3 ACT D . 12.51 12.01 23.19
C ACT E . -27.06 13.95 -17.53
O ACT E . -27.87 14.78 -18.00
OXT ACT E . -26.54 14.25 -16.42
CH3 ACT E . -26.74 12.67 -18.24
C ACT F . -19.11 6.83 -3.04
O ACT F . -19.96 5.95 -2.81
OXT ACT F . -17.92 6.46 -3.11
CH3 ACT F . -19.52 8.26 -3.23
C10 4F5 G . -14.89 -4.16 25.94
C12 4F5 G . -14.50 -0.86 22.23
C13 4F5 G . -14.77 -0.31 20.96
C14 4F5 G . -17.21 0.59 18.76
C15 4F5 G . -18.49 0.01 18.15
C17 4F5 G . -19.63 -2.23 17.37
O01 4F5 G . -15.64 -0.22 16.60
C02 4F5 G . -15.33 -0.69 17.67
N03 4F5 G . -16.07 -0.33 18.85
C04 4F5 G . -15.74 -0.88 20.15
C05 4F5 G . -16.45 -2.00 20.59
C06 4F5 G . -16.17 -2.55 21.85
C07 4F5 G . -15.19 -1.98 22.68
N08 4F5 G . -14.91 -2.51 24.00
C09 4F5 G . -15.24 -3.80 24.50
O11 4F5 G . -15.81 -4.64 23.82
N16 4F5 G . -18.56 -1.44 17.94
C18 4F5 G . -21.02 -1.79 17.79
C19 4F5 G . -19.46 -3.66 17.79
C20 4F5 G . -19.53 -2.19 15.87
O21 4F5 G . -19.41 0.77 17.84
C22 4F5 G . -17.34 1.35 20.08
C23 4F5 G . -18.22 1.03 21.16
S24 4F5 G . -18.02 2.06 22.39
C25 4F5 G . -16.85 2.99 21.80
C26 4F5 G . -16.48 2.55 20.47
C27 4F5 G . -14.14 -1.64 17.77
N28 4F5 G . -13.49 -1.80 16.49
C29 4F5 G . -13.76 -2.83 15.58
C30 4F5 G . -14.63 -3.95 15.59
C31 4F5 G . -14.66 -4.83 14.51
C32 4F5 G . -13.82 -4.61 13.40
C33 4F5 G . -12.96 -3.52 13.38
C34 4F5 G . -12.92 -2.62 14.49
N35 4F5 G . -12.19 -1.47 14.77
N36 4F5 G . -12.56 -0.99 15.98
C ACT H . 22.76 -15.99 2.56
O ACT H . 22.06 -16.08 3.61
OXT ACT H . 23.55 -15.01 2.54
CH3 ACT H . 22.67 -16.96 1.43
C ACT I . 14.51 4.13 10.58
O ACT I . 15.15 4.52 9.58
OXT ACT I . 14.36 4.98 11.49
CH3 ACT I . 13.95 2.74 10.67
C ACT J . -4.99 -9.23 -17.82
O ACT J . -5.07 -10.36 -18.35
OXT ACT J . -4.51 -8.32 -18.52
CH3 ACT J . -5.46 -8.97 -16.41
C10 4F5 K . 23.09 5.78 -18.20
C12 4F5 K . 18.88 3.89 -18.18
C13 4F5 K . 17.70 3.13 -18.27
C14 4F5 K . 16.22 0.10 -19.10
C15 4F5 K . 15.55 0.79 -20.30
C17 4F5 K . 15.73 2.65 -22.09
O01 4F5 K . 14.40 0.46 -17.22
C02 4F5 K . 15.40 1.13 -17.03
N03 4F5 K . 16.45 1.02 -17.98
C04 4F5 K . 17.70 1.78 -17.88
C05 4F5 K . 18.87 1.20 -17.42
C06 4F5 K . 20.04 1.96 -17.33
C07 4F5 K . 20.06 3.31 -17.73
N08 4F5 K . 21.29 4.05 -17.62
C09 4F5 K . 21.74 5.11 -18.48
O11 4F5 K . 21.07 5.51 -19.42
N16 4F5 K . 16.24 1.88 -20.98
C18 4F5 K . 14.67 3.60 -21.60
C19 4F5 K . 15.16 1.81 -23.19
C20 4F5 K . 16.87 3.45 -22.65
O21 4F5 K . 14.43 0.43 -20.63
C22 4F5 K . 17.42 -0.83 -19.29
C23 4F5 K . 18.50 -0.65 -20.22
S24 4F5 K . 19.56 -1.86 -20.03
C25 4F5 K . 18.88 -2.69 -18.83
C26 4F5 K . 17.67 -2.06 -18.42
C27 4F5 K . 15.48 2.04 -15.82
N28 4F5 K . 14.14 2.06 -15.23
C29 4F5 K . 13.15 2.98 -15.56
C30 4F5 K . 13.09 4.08 -16.45
C31 4F5 K . 11.92 4.83 -16.55
C32 4F5 K . 10.80 4.49 -15.76
C33 4F5 K . 10.84 3.41 -14.88
C34 4F5 K . 12.04 2.65 -14.77
N35 4F5 K . 12.41 1.55 -14.02
N36 4F5 K . 13.68 1.21 -14.31
#